data_9D4B
#
_entry.id   9D4B
#
_cell.length_a   93.130
_cell.length_b   132.010
_cell.length_c   210.700
_cell.angle_alpha   90.00
_cell.angle_beta   90.00
_cell.angle_gamma   90.00
#
_symmetry.space_group_name_H-M   'C 2 2 21'
#
loop_
_entity.id
_entity.type
_entity.pdbx_description
1 polymer 'von Hippel-Lindau disease tumor suppressor'
2 polymer Elongin-B
3 polymer Elongin-C
4 polymer 'Probable global transcription activator SNF2L2'
5 non-polymer "(4R)-1-[(2S)-2-{4-[(1S,4S)-4-({4-[(12'S)-4'-chloro-5'-oxo-5'H-spiro[cyclohexane-1,7'-indolo[1,2-a]quinazolin]-10'-yl]piperidin-1-yl}methyl)cyclohexyl]-1H-1,2,3-triazol-1-yl}-3,3-dimethylbutanoyl]-4-hydroxy-N-[(1R)-1-[4-(4-methyl-1,3-thiazol-5-yl)phenyl]-2-(morpholin-4-yl)ethyl]-L-prolinamide"
#
loop_
_entity_poly.entity_id
_entity_poly.type
_entity_poly.pdbx_seq_one_letter_code
_entity_poly.pdbx_strand_id
1 'polypeptide(L)'
;GMEAGRPRPVLRSVNSREPSQVIFCNRSPRVVLPVWLNFDGEPQPYPTLPPGTGRRIHSYRGHLWLFRDAGTHDGLLVNQ
TELFVPSLNVDGQPIFANITLPVYTLKERCLQVVRSLVKPENYRRLDIVRSLYEDLEDHPNVQKDLERLTQERIAHQRMG
D
;
A,D
2 'polypeptide(L)'
;MDVFLMIRRHKTTIFTDAKESSTVFELKRIVEGILKRPPDEQRLYKDDQLLDDGKTLGECGFTSQTARPQAPATVGLAFR
ADDTFEALCIEPFSSPPELPDVMK
;
B,E
3 'polypeptide(L)'
;MYVKLISSDGHEFIVKREHALTSGTIKAMLSGPGQFAENETNEVNFREIPSHVLSKVCMYFTYKVRYTNSSTEIPEFPIA
PEIALELLMAANFLDC
;
C,F
4 'polypeptide(L)'
;SMAEKLSPNPPKLTKQMNAIIDTVINYKDSSGRQLSEVFIQLPSRKELPEYYELIRKPVDFKKIKERIRNHKYRSLGDLE
KDVMLLCHNAQTFNLEGSQIYEDSIVLQSVFKSARQKIAKEEE
;
G,H
#
# COMPACT_ATOMS: atom_id res chain seq x y z
N PRO A 9 -15.49 16.75 22.06
CA PRO A 9 -14.63 17.22 20.95
C PRO A 9 -14.93 16.50 19.65
N VAL A 10 -14.63 17.14 18.51
CA VAL A 10 -15.01 16.68 17.19
C VAL A 10 -14.05 15.60 16.66
N LEU A 11 -12.75 15.77 16.92
CA LEU A 11 -11.79 14.78 16.50
C LEU A 11 -11.59 13.79 17.64
N ARG A 12 -12.39 12.73 17.58
CA ARG A 12 -12.25 11.60 18.46
C ARG A 12 -12.51 10.33 17.66
N SER A 13 -12.06 9.22 18.25
CA SER A 13 -12.52 7.93 17.82
C SER A 13 -13.95 7.72 18.32
N VAL A 14 -14.74 6.90 17.62
CA VAL A 14 -16.01 6.44 18.15
C VAL A 14 -15.77 5.08 18.80
N ASN A 15 -16.44 4.82 19.93
CA ASN A 15 -16.34 3.53 20.58
C ASN A 15 -17.33 2.60 19.88
N SER A 16 -16.95 2.07 18.72
CA SER A 16 -17.90 1.30 17.92
C SER A 16 -17.91 -0.16 18.35
N ARG A 17 -16.87 -0.62 19.04
CA ARG A 17 -16.75 -2.04 19.37
C ARG A 17 -16.92 -2.91 18.14
N GLU A 18 -16.42 -2.47 16.97
CA GLU A 18 -16.49 -3.26 15.75
C GLU A 18 -15.09 -3.41 15.15
N PRO A 19 -14.46 -4.61 15.21
CA PRO A 19 -13.07 -4.75 14.80
C PRO A 19 -12.89 -4.35 13.33
N SER A 20 -11.71 -3.80 13.04
CA SER A 20 -11.24 -3.61 11.68
C SER A 20 -9.74 -3.90 11.61
N GLN A 21 -9.34 -4.95 10.88
CA GLN A 21 -7.93 -5.22 10.63
C GLN A 21 -7.41 -4.15 9.66
N VAL A 22 -6.23 -3.60 9.97
CA VAL A 22 -5.67 -2.48 9.24
C VAL A 22 -4.16 -2.71 9.07
N ILE A 23 -3.62 -2.33 7.91
CA ILE A 23 -2.18 -2.33 7.71
C ILE A 23 -1.65 -0.92 7.93
N PHE A 24 -0.71 -0.76 8.86
CA PHE A 24 0.11 0.44 8.84
C PHE A 24 1.35 0.13 8.00
N CYS A 25 1.53 0.80 6.86
CA CYS A 25 2.77 0.67 6.12
C CYS A 25 3.52 2.00 6.15
N ASN A 26 4.76 1.97 6.64
CA ASN A 26 5.56 3.18 6.77
C ASN A 26 6.42 3.36 5.53
N ARG A 27 5.92 4.11 4.55
CA ARG A 27 6.60 4.31 3.29
C ARG A 27 7.28 5.68 3.31
N SER A 28 7.81 6.03 4.49
CA SER A 28 8.51 7.28 4.69
C SER A 28 9.92 6.95 5.15
N PRO A 29 10.92 7.81 4.88
CA PRO A 29 12.26 7.61 5.42
C PRO A 29 12.37 8.00 6.89
N ARG A 30 11.25 8.44 7.48
CA ARG A 30 11.21 8.81 8.88
C ARG A 30 10.77 7.63 9.73
N VAL A 31 11.17 7.64 11.01
CA VAL A 31 10.64 6.70 11.98
C VAL A 31 9.29 7.18 12.50
N VAL A 32 8.24 6.38 12.28
CA VAL A 32 6.89 6.90 12.41
C VAL A 32 6.37 6.55 13.78
N LEU A 33 5.80 7.55 14.45
CA LEU A 33 4.99 7.33 15.63
C LEU A 33 3.51 7.36 15.26
N PRO A 34 2.77 6.24 15.43
CA PRO A 34 1.34 6.22 15.19
C PRO A 34 0.71 6.84 16.42
N VAL A 35 -0.39 7.54 16.18
CA VAL A 35 -1.06 8.31 17.20
C VAL A 35 -2.56 8.07 17.06
N TRP A 36 -3.12 7.43 18.08
CA TRP A 36 -4.54 7.19 18.20
C TRP A 36 -5.17 8.34 18.99
N LEU A 37 -6.28 8.85 18.48
CA LEU A 37 -7.12 9.75 19.25
C LEU A 37 -8.12 8.90 20.02
N ASN A 38 -8.09 8.95 21.35
CA ASN A 38 -9.00 8.15 22.14
C ASN A 38 -10.42 8.72 21.99
N PHE A 39 -11.37 8.15 22.74
CA PHE A 39 -12.79 8.46 22.59
C PHE A 39 -13.08 9.89 23.03
N ASP A 40 -12.20 10.47 23.85
CA ASP A 40 -12.30 11.85 24.28
C ASP A 40 -11.50 12.77 23.37
N GLY A 41 -10.81 12.23 22.36
CA GLY A 41 -10.03 13.03 21.44
C GLY A 41 -8.64 13.39 22.00
N GLU A 42 -8.30 12.79 23.15
CA GLU A 42 -6.94 12.84 23.66
C GLU A 42 -6.05 11.99 22.74
N PRO A 43 -4.94 12.51 22.19
CA PRO A 43 -4.00 11.69 21.41
C PRO A 43 -3.13 10.80 22.29
N GLN A 44 -2.76 9.65 21.74
CA GLN A 44 -2.05 8.63 22.47
C GLN A 44 -0.97 8.07 21.56
N PRO A 45 0.26 7.86 22.06
CA PRO A 45 1.35 7.32 21.25
C PRO A 45 1.31 5.80 21.15
N TYR A 46 1.78 5.26 20.01
CA TYR A 46 1.86 3.83 19.83
C TYR A 46 3.30 3.49 19.48
N PRO A 47 3.69 2.21 19.52
CA PRO A 47 5.08 1.87 19.23
C PRO A 47 5.36 2.29 17.79
N THR A 48 6.61 2.72 17.57
CA THR A 48 6.98 3.37 16.33
C THR A 48 7.12 2.32 15.23
N LEU A 49 7.19 2.78 13.97
CA LEU A 49 7.47 1.95 12.82
C LEU A 49 8.71 2.46 12.10
N PRO A 50 9.77 1.63 12.00
CA PRO A 50 10.92 1.93 11.17
C PRO A 50 10.58 2.16 9.71
N PRO A 51 11.39 2.96 8.97
CA PRO A 51 11.20 3.15 7.54
C PRO A 51 10.97 1.81 6.84
N GLY A 52 9.91 1.77 6.03
CA GLY A 52 9.65 0.64 5.16
C GLY A 52 9.26 -0.64 5.90
N THR A 53 8.86 -0.53 7.16
CA THR A 53 8.17 -1.63 7.81
C THR A 53 6.66 -1.38 7.79
N GLY A 54 5.91 -2.47 7.97
CA GLY A 54 4.47 -2.37 8.02
C GLY A 54 3.86 -3.48 8.88
N ARG A 55 3.24 -3.12 10.01
CA ARG A 55 2.52 -4.07 10.83
C ARG A 55 1.03 -4.08 10.49
N ARG A 56 0.38 -5.21 10.80
CA ARG A 56 -1.07 -5.33 10.66
C ARG A 56 -1.73 -5.20 12.02
N ILE A 57 -2.30 -4.02 12.24
CA ILE A 57 -2.90 -3.65 13.50
C ILE A 57 -4.35 -4.12 13.51
N HIS A 58 -4.78 -4.53 14.70
CA HIS A 58 -6.20 -4.73 14.97
C HIS A 58 -6.72 -3.45 15.61
N SER A 59 -7.43 -2.64 14.83
CA SER A 59 -8.10 -1.44 15.28
C SER A 59 -9.61 -1.70 15.18
N TYR A 60 -10.40 -0.61 15.24
CA TYR A 60 -11.85 -0.72 15.24
C TYR A 60 -12.44 0.28 14.25
N ARG A 61 -13.62 -0.07 13.71
CA ARG A 61 -14.37 0.83 12.87
C ARG A 61 -14.48 2.15 13.63
N GLY A 62 -14.30 3.26 12.91
CA GLY A 62 -14.60 4.58 13.44
C GLY A 62 -13.45 5.19 14.23
N HIS A 63 -12.45 4.38 14.61
CA HIS A 63 -11.28 4.88 15.32
C HIS A 63 -10.47 5.80 14.42
N LEU A 64 -9.77 6.78 15.03
CA LEU A 64 -8.96 7.74 14.30
C LEU A 64 -7.48 7.58 14.58
N TRP A 65 -6.68 7.69 13.51
CA TRP A 65 -5.24 7.72 13.64
C TRP A 65 -4.67 8.91 12.88
N LEU A 66 -3.48 9.38 13.32
CA LEU A 66 -2.63 10.23 12.51
C LEU A 66 -1.16 9.87 12.73
N PHE A 67 -0.29 10.25 11.77
CA PHE A 67 1.09 9.81 11.83
C PHE A 67 2.06 10.99 11.78
N ARG A 68 3.15 10.77 12.53
CA ARG A 68 4.04 11.82 13.00
C ARG A 68 5.44 11.21 13.05
N ASP A 69 6.49 12.02 12.74
CA ASP A 69 7.87 11.59 12.91
C ASP A 69 8.15 11.44 14.39
N ALA A 70 8.60 10.27 14.80
CA ALA A 70 8.70 9.98 16.23
C ALA A 70 9.70 10.93 16.90
N GLY A 71 10.76 11.32 16.18
CA GLY A 71 11.82 12.07 16.78
C GLY A 71 11.60 13.59 16.77
N THR A 72 10.80 14.11 15.84
CA THR A 72 10.75 15.55 15.64
C THR A 72 9.31 16.07 15.66
N HIS A 73 8.34 15.16 15.55
CA HIS A 73 6.93 15.49 15.48
C HIS A 73 6.57 16.13 14.15
N ASP A 74 7.49 16.10 13.19
CA ASP A 74 7.10 16.46 11.83
C ASP A 74 5.87 15.64 11.46
N GLY A 75 4.88 16.29 10.84
CA GLY A 75 3.68 15.58 10.40
C GLY A 75 3.88 14.80 9.10
N LEU A 76 3.08 13.74 8.94
CA LEU A 76 3.19 12.86 7.79
C LEU A 76 1.80 12.62 7.23
N LEU A 77 1.73 12.16 5.99
CA LEU A 77 0.45 11.90 5.38
C LEU A 77 0.07 10.45 5.59
N VAL A 78 -1.19 10.10 5.29
CA VAL A 78 -1.66 8.73 5.36
C VAL A 78 -2.79 8.56 4.37
N ASN A 79 -2.53 7.80 3.30
CA ASN A 79 -3.44 7.75 2.17
C ASN A 79 -3.82 9.18 1.76
N GLN A 80 -2.77 9.96 1.44
CA GLN A 80 -2.85 11.29 0.86
C GLN A 80 -3.39 12.34 1.84
N THR A 81 -3.90 11.95 3.02
CA THR A 81 -4.61 12.86 3.89
C THR A 81 -3.86 12.93 5.22
N GLU A 82 -4.43 13.71 6.15
CA GLU A 82 -3.82 14.00 7.45
C GLU A 82 -4.28 12.99 8.50
N LEU A 83 -5.51 12.47 8.32
CA LEU A 83 -6.13 11.57 9.27
C LEU A 83 -6.54 10.30 8.55
N PHE A 84 -6.57 9.21 9.32
CA PHE A 84 -6.96 7.91 8.83
C PHE A 84 -8.11 7.38 9.68
N VAL A 85 -9.18 6.94 9.02
CA VAL A 85 -10.25 6.22 9.71
C VAL A 85 -10.67 5.03 8.88
N PRO A 86 -10.59 3.81 9.43
CA PRO A 86 -11.01 2.60 8.72
C PRO A 86 -12.52 2.59 8.54
N SER A 87 -12.96 2.12 7.38
CA SER A 87 -14.29 1.55 7.19
C SER A 87 -14.35 0.17 7.86
N LEU A 88 -15.35 -0.65 7.55
CA LEU A 88 -15.33 -2.05 7.97
C LEU A 88 -14.70 -2.87 6.85
N ASN A 89 -13.97 -3.91 7.28
CA ASN A 89 -13.27 -4.79 6.36
C ASN A 89 -14.27 -5.55 5.49
N VAL A 90 -14.32 -5.24 4.20
CA VAL A 90 -15.18 -5.98 3.29
C VAL A 90 -14.60 -7.38 3.11
N ASP A 91 -15.28 -8.39 3.67
CA ASP A 91 -14.95 -9.79 3.45
C ASP A 91 -13.55 -10.08 4.00
N GLY A 92 -13.28 -9.67 5.25
CA GLY A 92 -12.00 -9.95 5.88
C GLY A 92 -10.81 -9.48 5.04
N GLN A 93 -11.03 -8.37 4.33
CA GLN A 93 -9.97 -7.66 3.63
C GLN A 93 -9.42 -6.59 4.58
N PRO A 94 -8.09 -6.54 4.81
CA PRO A 94 -7.51 -5.49 5.63
C PRO A 94 -7.50 -4.15 4.89
N ILE A 95 -7.50 -3.05 5.64
CA ILE A 95 -7.47 -1.71 5.06
C ILE A 95 -6.05 -1.16 5.18
N PHE A 96 -5.54 -0.57 4.07
CA PHE A 96 -4.17 -0.10 4.04
C PHE A 96 -4.08 1.35 4.47
N ALA A 97 -3.01 1.66 5.21
CA ALA A 97 -2.57 3.03 5.39
C ALA A 97 -1.13 3.16 4.85
N ASN A 98 -0.93 3.80 3.69
CA ASN A 98 0.38 4.32 3.32
C ASN A 98 0.69 5.60 4.10
N ILE A 99 1.58 5.46 5.07
CA ILE A 99 2.17 6.60 5.72
C ILE A 99 3.30 7.09 4.80
N THR A 100 3.18 8.31 4.32
CA THR A 100 4.19 8.91 3.46
C THR A 100 4.63 10.24 4.04
N LEU A 101 5.71 10.79 3.46
CA LEU A 101 6.04 12.18 3.63
C LEU A 101 4.95 12.98 2.94
N PRO A 102 4.72 14.21 3.38
CA PRO A 102 4.05 15.21 2.56
C PRO A 102 5.10 15.90 1.72
N VAL A 103 4.66 16.61 0.69
CA VAL A 103 5.49 17.66 0.15
C VAL A 103 5.48 18.81 1.14
N TYR A 104 6.50 18.83 2.02
CA TYR A 104 6.78 20.01 2.81
C TYR A 104 6.98 21.22 1.90
N THR A 105 6.76 22.42 2.45
CA THR A 105 7.20 23.62 1.78
C THR A 105 8.72 23.66 1.90
N LEU A 106 9.39 24.29 0.92
CA LEU A 106 10.83 24.43 1.00
C LEU A 106 11.19 25.10 2.33
N LYS A 107 10.39 26.09 2.75
CA LYS A 107 10.68 26.78 3.99
C LYS A 107 10.61 25.82 5.18
N GLU A 108 9.49 25.09 5.33
CA GLU A 108 9.35 24.21 6.47
C GLU A 108 10.47 23.17 6.44
N ARG A 109 10.77 22.64 5.25
CA ARG A 109 11.77 21.59 5.11
C ARG A 109 13.13 22.08 5.59
N CYS A 110 13.47 23.32 5.23
CA CYS A 110 14.70 23.95 5.68
C CYS A 110 14.72 24.11 7.21
N LEU A 111 13.58 24.49 7.78
CA LEU A 111 13.45 24.60 9.23
C LEU A 111 13.76 23.25 9.87
N GLN A 112 13.17 22.20 9.27
CA GLN A 112 13.36 20.83 9.71
C GLN A 112 14.86 20.60 9.86
N VAL A 113 15.59 20.86 8.77
CA VAL A 113 16.98 20.48 8.67
C VAL A 113 17.82 21.27 9.66
N VAL A 114 17.55 22.58 9.75
CA VAL A 114 18.30 23.43 10.66
C VAL A 114 18.08 22.92 12.08
N ARG A 115 16.80 22.84 12.48
CA ARG A 115 16.42 22.36 13.81
C ARG A 115 17.23 21.13 14.19
N SER A 116 17.45 20.23 13.20
CA SER A 116 18.11 18.95 13.39
C SER A 116 19.62 19.10 13.62
N LEU A 117 20.20 20.23 13.17
CA LEU A 117 21.64 20.44 13.22
C LEU A 117 22.05 21.37 14.36
N VAL A 118 21.08 21.96 15.07
CA VAL A 118 21.34 23.06 15.99
C VAL A 118 20.50 22.89 17.26
N LYS A 119 21.18 23.01 18.42
CA LYS A 119 20.52 22.90 19.72
C LYS A 119 19.60 24.10 19.88
N PRO A 120 18.38 23.95 20.45
CA PRO A 120 17.43 25.08 20.54
C PRO A 120 18.07 26.37 21.05
N GLU A 121 18.93 26.23 22.05
CA GLU A 121 19.63 27.35 22.66
C GLU A 121 20.42 28.17 21.65
N ASN A 122 20.80 27.56 20.52
CA ASN A 122 21.67 28.23 19.59
C ASN A 122 20.92 28.81 18.40
N TYR A 123 19.63 28.51 18.29
CA TYR A 123 18.90 29.02 17.14
C TYR A 123 19.30 30.49 16.99
N ARG A 124 19.44 31.19 18.12
CA ARG A 124 19.62 32.64 18.11
C ARG A 124 21.08 33.03 17.92
N ARG A 125 21.94 32.09 17.51
CA ARG A 125 23.30 32.42 17.10
C ARG A 125 23.45 32.31 15.59
N LEU A 126 22.35 32.15 14.84
CA LEU A 126 22.46 31.93 13.40
C LEU A 126 22.28 33.26 12.69
N ASP A 127 23.05 33.49 11.62
CA ASP A 127 22.95 34.74 10.89
C ASP A 127 21.69 34.71 10.02
N ILE A 128 20.53 34.93 10.65
CA ILE A 128 19.25 34.99 9.95
C ILE A 128 18.36 36.07 10.59
N VAL A 129 17.37 36.52 9.82
CA VAL A 129 16.34 37.45 10.29
C VAL A 129 15.69 36.91 11.57
N ARG A 130 15.25 37.83 12.45
CA ARG A 130 14.72 37.50 13.78
C ARG A 130 13.47 36.62 13.66
N SER A 131 12.62 36.86 12.65
CA SER A 131 11.43 36.03 12.47
C SER A 131 11.80 34.55 12.35
N LEU A 132 12.88 34.24 11.63
CA LEU A 132 13.28 32.85 11.43
C LEU A 132 13.75 32.20 12.74
N TYR A 133 14.18 32.99 13.74
CA TYR A 133 14.44 32.42 15.05
C TYR A 133 13.14 31.92 15.67
N GLU A 134 12.06 32.70 15.52
CA GLU A 134 10.75 32.29 16.02
C GLU A 134 10.20 31.12 15.22
N ASP A 135 10.38 31.20 13.89
CA ASP A 135 9.91 30.16 12.98
C ASP A 135 10.56 28.83 13.36
N LEU A 136 11.88 28.83 13.65
CA LEU A 136 12.56 27.64 14.12
C LEU A 136 11.95 27.13 15.43
N GLU A 137 11.72 28.05 16.37
CA GLU A 137 11.29 27.71 17.71
C GLU A 137 9.86 27.17 17.72
N ASP A 138 9.05 27.56 16.75
CA ASP A 138 7.68 27.05 16.64
C ASP A 138 7.74 25.61 16.14
N HIS A 139 8.01 24.66 17.04
CA HIS A 139 8.20 23.28 16.62
C HIS A 139 6.88 22.71 16.12
N PRO A 140 6.90 21.64 15.30
CA PRO A 140 5.65 20.98 14.92
C PRO A 140 5.20 20.27 16.18
N ASN A 141 3.90 20.00 16.22
CA ASN A 141 3.22 19.69 17.46
C ASN A 141 1.84 19.14 17.08
N VAL A 142 1.41 18.09 17.77
CA VAL A 142 0.18 17.40 17.40
C VAL A 142 -1.04 18.21 17.81
N GLN A 143 -1.01 18.77 19.03
CA GLN A 143 -2.19 19.37 19.63
C GLN A 143 -2.60 20.60 18.82
N LYS A 144 -1.65 21.11 18.01
CA LYS A 144 -1.83 22.36 17.29
C LYS A 144 -2.31 22.09 15.87
N ASP A 145 -1.94 20.93 15.32
CA ASP A 145 -2.51 20.46 14.06
C ASP A 145 -3.93 19.97 14.32
N LEU A 146 -4.13 19.33 15.47
CA LEU A 146 -5.47 18.95 15.89
C LEU A 146 -6.38 20.18 15.91
N GLU A 147 -5.94 21.28 16.54
CA GLU A 147 -6.69 22.53 16.57
C GLU A 147 -7.01 23.02 15.17
N ARG A 148 -5.97 23.13 14.34
CA ARG A 148 -6.13 23.53 12.96
C ARG A 148 -7.14 22.62 12.25
N LEU A 149 -6.98 21.32 12.39
CA LEU A 149 -7.85 20.39 11.69
C LEU A 149 -9.27 20.54 12.20
N THR A 150 -9.42 20.83 13.51
CA THR A 150 -10.73 20.88 14.11
C THR A 150 -11.52 22.01 13.44
N GLN A 151 -10.89 23.18 13.28
CA GLN A 151 -11.56 24.36 12.71
C GLN A 151 -11.89 24.13 11.24
N GLU A 152 -11.06 23.36 10.52
CA GLU A 152 -11.28 23.07 9.12
C GLU A 152 -12.52 22.18 8.95
N ARG A 153 -12.56 21.09 9.71
CA ARG A 153 -13.66 20.14 9.65
C ARG A 153 -15.00 20.86 9.76
N ILE A 154 -15.17 21.64 10.82
CA ILE A 154 -16.46 22.30 11.06
C ILE A 154 -16.80 23.14 9.83
N ALA A 155 -15.81 23.85 9.28
CA ALA A 155 -15.99 24.63 8.06
C ALA A 155 -15.86 23.75 6.81
N MET B 1 9.76 6.20 -18.48
CA MET B 1 9.49 6.93 -17.22
C MET B 1 10.44 8.12 -17.14
N ASP B 2 9.93 9.18 -16.50
CA ASP B 2 10.48 10.51 -16.57
C ASP B 2 11.91 10.55 -16.01
N VAL B 3 12.74 11.41 -16.59
CA VAL B 3 14.07 11.75 -16.07
C VAL B 3 14.15 13.27 -15.97
N PHE B 4 14.84 13.77 -14.93
CA PHE B 4 14.81 15.20 -14.63
C PHE B 4 16.23 15.74 -14.80
N LEU B 5 16.34 16.89 -15.50
CA LEU B 5 17.60 17.26 -16.13
C LEU B 5 17.88 18.74 -15.95
N MET B 6 19.18 19.03 -15.82
CA MET B 6 19.71 20.37 -15.90
C MET B 6 20.59 20.42 -17.16
N ILE B 7 20.11 21.15 -18.18
CA ILE B 7 20.88 21.37 -19.40
C ILE B 7 21.70 22.65 -19.22
N ARG B 8 23.03 22.51 -19.27
CA ARG B 8 23.92 23.55 -18.79
C ARG B 8 24.92 23.97 -19.88
N ARG B 9 25.00 25.29 -20.09
CA ARG B 9 25.98 25.91 -20.98
C ARG B 9 26.48 27.23 -20.38
N HIS B 10 27.81 27.35 -20.23
CA HIS B 10 28.43 28.54 -19.64
C HIS B 10 27.72 28.84 -18.33
N LYS B 11 27.12 30.04 -18.22
CA LYS B 11 26.29 30.33 -17.07
C LYS B 11 24.85 30.36 -17.56
N THR B 12 24.36 29.16 -17.87
CA THR B 12 22.98 28.95 -18.29
C THR B 12 22.55 27.53 -17.94
N THR B 13 21.37 27.40 -17.32
CA THR B 13 20.91 26.15 -16.76
C THR B 13 19.40 26.00 -17.01
N ILE B 14 19.01 24.98 -17.77
CA ILE B 14 17.60 24.74 -18.10
C ILE B 14 17.05 23.59 -17.27
N PHE B 15 15.97 23.85 -16.53
CA PHE B 15 15.33 22.80 -15.76
C PHE B 15 14.21 22.21 -16.59
N THR B 16 14.37 20.95 -16.98
CA THR B 16 13.39 20.30 -17.81
C THR B 16 13.46 18.80 -17.63
N ASP B 17 12.31 18.15 -17.89
CA ASP B 17 12.11 16.72 -17.75
C ASP B 17 12.13 16.13 -19.16
N ALA B 18 11.98 14.80 -19.24
CA ALA B 18 11.80 14.12 -20.51
C ALA B 18 11.76 12.61 -20.26
N LYS B 19 11.27 11.87 -21.27
CA LYS B 19 11.14 10.42 -21.18
C LYS B 19 12.52 9.78 -21.21
N GLU B 20 12.66 8.62 -20.55
CA GLU B 20 13.85 7.80 -20.67
C GLU B 20 14.04 7.23 -22.08
N SER B 21 12.94 6.92 -22.76
CA SER B 21 12.97 6.37 -24.10
C SER B 21 13.03 7.48 -25.15
N SER B 22 13.21 8.74 -24.70
CA SER B 22 13.32 9.88 -25.61
C SER B 22 14.73 10.00 -26.17
N THR B 23 14.81 10.38 -27.45
CA THR B 23 16.07 10.45 -28.16
C THR B 23 16.80 11.74 -27.80
N VAL B 24 18.12 11.73 -28.04
CA VAL B 24 18.94 12.90 -27.81
C VAL B 24 18.53 13.99 -28.80
N PHE B 25 18.17 13.63 -30.04
CA PHE B 25 17.73 14.61 -31.02
C PHE B 25 16.44 15.29 -30.55
N GLU B 26 15.61 14.54 -29.82
CA GLU B 26 14.39 15.11 -29.25
C GLU B 26 14.75 16.22 -28.27
N LEU B 27 15.80 15.99 -27.48
CA LEU B 27 16.25 16.89 -26.44
C LEU B 27 16.71 18.20 -27.06
N LYS B 28 17.39 18.08 -28.21
CA LYS B 28 17.88 19.23 -28.94
C LYS B 28 16.70 20.08 -29.41
N ARG B 29 15.59 19.42 -29.80
CA ARG B 29 14.42 20.12 -30.30
C ARG B 29 13.78 20.97 -29.20
N ILE B 30 13.93 20.51 -27.95
CA ILE B 30 13.49 21.28 -26.80
C ILE B 30 14.39 22.49 -26.60
N VAL B 31 15.70 22.21 -26.56
CA VAL B 31 16.71 23.25 -26.40
C VAL B 31 16.47 24.36 -27.42
N GLU B 32 16.11 23.96 -28.66
CA GLU B 32 15.75 24.89 -29.72
C GLU B 32 14.57 25.75 -29.28
N GLY B 33 13.55 25.09 -28.70
CA GLY B 33 12.35 25.75 -28.20
C GLY B 33 12.62 26.86 -27.18
N ILE B 34 13.88 27.03 -26.74
CA ILE B 34 14.20 27.94 -25.66
C ILE B 34 15.33 28.88 -26.06
N LEU B 35 16.48 28.32 -26.45
CA LEU B 35 17.62 29.16 -26.83
C LEU B 35 17.53 29.57 -28.29
N LYS B 36 16.59 28.97 -29.04
CA LYS B 36 16.29 29.36 -30.41
C LYS B 36 17.36 28.88 -31.39
N ARG B 37 18.33 28.09 -30.92
CA ARG B 37 19.38 27.58 -31.78
C ARG B 37 18.92 26.25 -32.37
N PRO B 38 19.20 25.95 -33.66
CA PRO B 38 18.76 24.69 -34.28
C PRO B 38 19.64 23.50 -33.86
N PRO B 39 19.08 22.27 -33.82
CA PRO B 39 19.81 21.07 -33.35
C PRO B 39 21.18 20.79 -33.94
N ASP B 40 21.40 21.21 -35.20
CA ASP B 40 22.65 20.97 -35.91
C ASP B 40 23.77 21.85 -35.34
N GLU B 41 23.41 22.84 -34.51
CA GLU B 41 24.36 23.73 -33.87
C GLU B 41 24.59 23.33 -32.41
N GLN B 42 24.17 22.12 -32.03
CA GLN B 42 24.12 21.73 -30.63
C GLN B 42 24.77 20.37 -30.41
N ARG B 43 25.80 20.33 -29.57
CA ARG B 43 26.31 19.07 -29.04
C ARG B 43 25.90 18.99 -27.57
N LEU B 44 25.52 17.78 -27.13
CA LEU B 44 25.11 17.53 -25.75
C LEU B 44 25.97 16.41 -25.14
N TYR B 45 26.27 16.54 -23.85
CA TYR B 45 27.26 15.69 -23.21
C TYR B 45 26.77 15.16 -21.87
N LYS B 46 26.98 13.86 -21.65
CA LYS B 46 26.95 13.28 -20.31
C LYS B 46 28.39 13.22 -19.77
N ASP B 47 28.74 14.19 -18.93
CA ASP B 47 30.10 14.41 -18.50
C ASP B 47 30.80 15.09 -19.66
N ASP B 48 31.88 14.45 -20.14
CA ASP B 48 32.62 14.87 -21.31
C ASP B 48 32.24 13.99 -22.49
N GLN B 49 31.55 12.88 -22.22
CA GLN B 49 31.07 11.98 -23.24
C GLN B 49 30.06 12.70 -24.13
N LEU B 50 30.41 12.93 -25.41
CA LEU B 50 29.46 13.44 -26.39
C LEU B 50 28.37 12.39 -26.60
N LEU B 51 27.13 12.85 -26.85
CA LEU B 51 25.99 11.94 -26.87
C LEU B 51 25.53 11.71 -28.30
N ASP B 52 25.64 10.46 -28.77
CA ASP B 52 25.22 10.06 -30.10
C ASP B 52 23.78 10.52 -30.32
N ASP B 53 23.52 11.18 -31.45
CA ASP B 53 22.31 11.96 -31.68
C ASP B 53 21.05 11.10 -31.62
N GLY B 54 21.18 9.84 -32.07
CA GLY B 54 20.03 8.97 -32.22
C GLY B 54 19.89 7.96 -31.08
N LYS B 55 20.58 8.19 -29.95
CA LYS B 55 20.40 7.41 -28.75
C LYS B 55 19.18 7.91 -27.98
N THR B 56 18.61 7.03 -27.14
CA THR B 56 17.69 7.47 -26.10
C THR B 56 18.51 7.93 -24.90
N LEU B 57 17.96 8.90 -24.16
CA LEU B 57 18.49 9.29 -22.86
C LEU B 57 18.71 8.05 -22.00
N GLY B 58 17.75 7.13 -22.06
CA GLY B 58 17.87 5.81 -21.46
C GLY B 58 19.24 5.19 -21.74
N GLU B 59 19.54 5.02 -23.05
CA GLU B 59 20.78 4.43 -23.52
C GLU B 59 22.00 5.24 -23.03
N CYS B 60 21.91 6.58 -23.03
CA CYS B 60 23.03 7.42 -22.65
C CYS B 60 23.42 7.24 -21.18
N GLY B 61 22.48 6.74 -20.35
CA GLY B 61 22.76 6.47 -18.95
C GLY B 61 21.96 7.31 -17.96
N PHE B 62 20.93 8.02 -18.44
CA PHE B 62 20.01 8.75 -17.58
C PHE B 62 18.82 7.85 -17.25
N THR B 63 18.46 7.72 -15.95
CA THR B 63 17.41 6.80 -15.58
C THR B 63 16.53 7.39 -14.48
N SER B 64 15.33 6.80 -14.33
CA SER B 64 14.31 7.33 -13.42
C SER B 64 14.97 7.69 -12.09
N GLN B 65 15.98 6.91 -11.71
CA GLN B 65 16.83 7.16 -10.55
C GLN B 65 18.23 7.56 -11.06
N THR B 66 18.92 8.45 -10.32
CA THR B 66 20.07 9.24 -10.78
C THR B 66 19.70 10.48 -11.62
N ALA B 67 18.43 10.65 -12.01
CA ALA B 67 18.00 11.87 -12.67
C ALA B 67 16.64 12.29 -12.12
N ARG B 68 16.65 12.66 -10.82
CA ARG B 68 15.46 12.82 -10.02
C ARG B 68 15.15 14.29 -9.86
N PRO B 69 13.88 14.69 -9.61
CA PRO B 69 13.53 16.11 -9.63
C PRO B 69 14.38 16.90 -8.62
N GLN B 70 14.64 16.31 -7.46
CA GLN B 70 15.34 17.00 -6.39
C GLN B 70 16.85 16.82 -6.51
N ALA B 71 17.28 16.07 -7.53
CA ALA B 71 18.69 15.82 -7.77
C ALA B 71 18.91 15.51 -9.25
N PRO B 72 18.65 16.49 -10.15
CA PRO B 72 18.49 16.21 -11.56
C PRO B 72 19.89 16.10 -12.15
N ALA B 73 20.00 15.21 -13.13
CA ALA B 73 21.25 14.95 -13.82
C ALA B 73 21.58 16.14 -14.72
N THR B 74 22.86 16.27 -15.06
CA THR B 74 23.34 17.39 -15.84
C THR B 74 23.68 16.97 -17.26
N VAL B 75 23.16 17.72 -18.25
CA VAL B 75 23.50 17.54 -19.65
C VAL B 75 24.26 18.77 -20.13
N GLY B 76 25.55 18.60 -20.46
CA GLY B 76 26.36 19.68 -21.00
C GLY B 76 25.94 20.03 -22.42
N LEU B 77 25.86 21.34 -22.71
CA LEU B 77 25.51 21.83 -24.04
C LEU B 77 26.61 22.77 -24.55
N ALA B 78 26.95 22.60 -25.84
CA ALA B 78 27.90 23.46 -26.53
C ALA B 78 27.35 23.81 -27.91
N PHE B 79 27.50 25.08 -28.32
CA PHE B 79 26.95 25.58 -29.57
C PHE B 79 28.04 25.74 -30.63
N ARG B 80 27.60 25.92 -31.89
CA ARG B 80 28.50 26.14 -33.01
C ARG B 80 28.27 27.53 -33.59
N ALA B 81 29.36 28.28 -33.79
CA ALA B 81 29.35 29.54 -34.52
C ALA B 81 30.41 29.48 -35.63
N ASP B 82 29.98 29.70 -36.87
CA ASP B 82 30.87 29.76 -38.02
C ASP B 82 31.67 28.46 -38.14
N ASP B 83 30.99 27.32 -38.01
CA ASP B 83 31.48 26.03 -38.48
C ASP B 83 32.45 25.35 -37.50
N THR B 84 32.74 25.97 -36.35
CA THR B 84 33.46 25.28 -35.28
C THR B 84 32.57 25.31 -34.03
N PHE B 85 32.51 24.17 -33.34
CA PHE B 85 31.87 24.07 -32.04
C PHE B 85 32.79 24.66 -30.97
N GLU B 86 32.19 25.28 -29.95
CA GLU B 86 32.94 25.64 -28.75
C GLU B 86 33.18 24.37 -27.94
N ALA B 87 34.22 24.40 -27.09
CA ALA B 87 34.41 23.33 -26.12
C ALA B 87 33.33 23.48 -25.07
N LEU B 88 32.74 22.34 -24.67
CA LEU B 88 31.77 22.31 -23.59
C LEU B 88 32.34 23.12 -22.43
N CYS B 89 31.62 24.17 -22.03
CA CYS B 89 32.06 25.02 -20.94
C CYS B 89 30.88 25.27 -20.00
N ILE B 90 31.00 24.81 -18.74
CA ILE B 90 29.99 25.02 -17.72
C ILE B 90 30.64 25.71 -16.51
N GLU B 91 30.37 27.02 -16.37
CA GLU B 91 30.80 27.78 -15.20
C GLU B 91 30.18 27.18 -13.94
N PRO B 92 30.98 26.76 -12.93
CA PRO B 92 30.40 26.15 -11.72
C PRO B 92 29.62 27.17 -10.92
N PHE B 93 28.78 26.68 -10.00
CA PHE B 93 27.99 27.54 -9.16
C PHE B 93 28.84 28.08 -8.00
N SER B 94 28.28 29.09 -7.32
CA SER B 94 28.87 29.68 -6.13
C SER B 94 29.14 28.62 -5.07
N SER B 95 29.90 29.00 -4.04
CA SER B 95 30.15 28.13 -2.90
C SER B 95 29.36 28.59 -1.70
N PRO B 96 28.85 27.65 -0.87
CA PRO B 96 28.30 28.02 0.43
C PRO B 96 29.44 28.25 1.41
N PRO B 97 29.32 29.24 2.32
CA PRO B 97 30.36 29.47 3.33
C PRO B 97 30.65 28.32 4.30
N GLU B 98 31.81 28.42 4.95
CA GLU B 98 32.19 27.49 6.00
C GLU B 98 30.98 27.29 6.91
N LEU B 99 30.65 26.02 7.18
CA LEU B 99 29.57 25.67 8.07
C LEU B 99 29.74 26.37 9.41
N PRO B 100 28.69 27.03 9.96
CA PRO B 100 28.75 27.59 11.31
C PRO B 100 29.20 26.59 12.37
N ASP B 101 29.80 27.07 13.46
CA ASP B 101 30.26 26.15 14.50
C ASP B 101 29.05 25.54 15.19
N VAL B 102 28.09 26.39 15.49
CA VAL B 102 26.84 25.98 16.08
C VAL B 102 26.13 24.89 15.26
N MET B 103 26.61 24.59 14.03
CA MET B 103 26.01 23.57 13.18
C MET B 103 27.00 22.42 12.96
N LYS B 104 27.73 21.98 14.01
CA LYS B 104 28.58 20.82 13.84
C LYS B 104 28.16 19.73 14.84
N MET C 1 5.45 27.90 -21.58
CA MET C 1 6.34 29.09 -21.57
C MET C 1 7.32 28.95 -20.41
N TYR C 2 8.60 29.29 -20.64
CA TYR C 2 9.61 29.23 -19.59
C TYR C 2 9.85 30.63 -19.02
N VAL C 3 10.73 30.73 -18.01
CA VAL C 3 11.12 32.02 -17.46
C VAL C 3 12.55 31.91 -16.92
N LYS C 4 13.23 33.06 -16.94
CA LYS C 4 14.62 33.15 -16.59
C LYS C 4 14.72 33.73 -15.18
N LEU C 5 15.51 33.09 -14.33
CA LEU C 5 15.83 33.60 -13.01
C LEU C 5 17.34 33.76 -12.94
N ILE C 6 17.80 34.82 -12.26
CA ILE C 6 19.21 35.15 -12.31
C ILE C 6 19.79 35.28 -10.89
N SER C 7 20.90 34.58 -10.66
CA SER C 7 21.55 34.65 -9.35
C SER C 7 22.24 36.00 -9.17
N SER C 8 22.70 36.23 -7.94
CA SER C 8 23.57 37.35 -7.64
C SER C 8 24.85 37.20 -8.46
N ASP C 9 25.35 35.97 -8.60
CA ASP C 9 26.58 35.73 -9.32
C ASP C 9 26.31 35.71 -10.84
N GLY C 10 25.05 35.86 -11.23
CA GLY C 10 24.73 36.13 -12.62
C GLY C 10 24.36 34.89 -13.44
N HIS C 11 24.51 33.68 -12.85
CA HIS C 11 23.99 32.45 -13.44
C HIS C 11 22.52 32.60 -13.79
N GLU C 12 22.14 32.01 -14.93
CA GLU C 12 20.79 32.15 -15.45
C GLU C 12 20.09 30.81 -15.44
N PHE C 13 18.93 30.77 -14.74
CA PHE C 13 18.19 29.56 -14.47
C PHE C 13 16.84 29.64 -15.17
N ILE C 14 16.61 28.75 -16.13
CA ILE C 14 15.43 28.79 -16.98
C ILE C 14 14.52 27.61 -16.66
N VAL C 15 13.32 27.91 -16.12
CA VAL C 15 12.42 26.87 -15.64
C VAL C 15 11.01 27.11 -16.22
N LYS C 16 10.21 26.06 -16.35
CA LYS C 16 8.83 26.20 -16.79
C LYS C 16 8.13 27.24 -15.91
N ARG C 17 7.36 28.13 -16.52
CA ARG C 17 6.65 29.17 -15.78
C ARG C 17 5.84 28.56 -14.63
N GLU C 18 5.22 27.40 -14.89
CA GLU C 18 4.27 26.82 -13.96
C GLU C 18 5.00 26.45 -12.66
N HIS C 19 6.27 26.05 -12.78
CA HIS C 19 7.09 25.64 -11.65
C HIS C 19 7.53 26.86 -10.83
N ALA C 20 7.80 27.97 -11.52
CA ALA C 20 8.28 29.17 -10.87
C ALA C 20 7.19 29.80 -10.00
N LEU C 21 5.94 29.66 -10.43
CA LEU C 21 4.80 30.23 -9.70
C LEU C 21 4.64 29.53 -8.35
N THR C 22 5.37 28.45 -8.11
CA THR C 22 5.40 27.79 -6.82
C THR C 22 5.73 28.80 -5.73
N SER C 23 6.56 29.80 -6.05
CA SER C 23 6.85 30.89 -5.14
C SER C 23 5.77 31.96 -5.28
N GLY C 24 5.27 32.41 -4.12
CA GLY C 24 4.32 33.50 -4.05
C GLY C 24 4.97 34.81 -4.50
N THR C 25 6.26 34.99 -4.21
CA THR C 25 6.89 36.25 -4.53
C THR C 25 7.47 36.20 -5.95
N ILE C 26 7.36 35.07 -6.66
CA ILE C 26 7.69 35.05 -8.08
C ILE C 26 6.38 35.06 -8.86
N LYS C 27 5.24 35.14 -8.17
CA LYS C 27 3.97 35.44 -8.83
C LYS C 27 3.88 36.94 -9.03
N ALA C 28 3.88 37.65 -7.89
CA ALA C 28 4.14 39.07 -7.87
C ALA C 28 5.17 39.39 -8.95
N MET C 29 6.45 39.31 -8.59
CA MET C 29 7.51 39.93 -9.37
C MET C 29 7.22 39.80 -10.88
N LEU C 30 6.51 38.72 -11.28
CA LEU C 30 6.00 38.59 -12.64
C LEU C 30 4.67 39.34 -12.76
N THR C 41 12.31 40.87 -19.68
CA THR C 41 10.94 40.35 -19.91
C THR C 41 10.88 38.86 -19.57
N ASN C 42 10.01 38.49 -18.60
CA ASN C 42 9.97 37.16 -18.01
C ASN C 42 11.30 36.85 -17.33
N GLU C 43 11.92 37.90 -16.81
CA GLU C 43 13.24 37.79 -16.22
C GLU C 43 13.01 38.08 -14.74
N VAL C 44 13.90 37.62 -13.88
CA VAL C 44 13.94 38.05 -12.49
C VAL C 44 15.39 37.98 -12.00
N ASN C 45 15.87 39.09 -11.44
CA ASN C 45 17.13 39.09 -10.72
C ASN C 45 16.87 38.90 -9.23
N PHE C 46 17.70 38.03 -8.66
CA PHE C 46 17.83 37.87 -7.23
C PHE C 46 19.23 38.35 -6.86
N ARG C 47 19.25 39.54 -6.24
CA ARG C 47 20.47 40.22 -5.94
C ARG C 47 21.11 39.56 -4.72
N GLU C 48 20.27 38.95 -3.85
CA GLU C 48 20.75 38.40 -2.60
C GLU C 48 20.87 36.88 -2.65
N ILE C 49 20.45 36.23 -3.75
CA ILE C 49 20.47 34.78 -3.82
C ILE C 49 21.50 34.30 -4.86
N PRO C 50 22.57 33.61 -4.43
CA PRO C 50 23.56 33.06 -5.36
C PRO C 50 23.11 31.80 -6.09
N SER C 51 23.97 31.31 -6.99
CA SER C 51 23.65 30.15 -7.82
C SER C 51 23.40 28.90 -6.98
N HIS C 52 24.32 28.55 -6.08
CA HIS C 52 24.24 27.27 -5.39
C HIS C 52 22.93 27.19 -4.63
N VAL C 53 22.37 28.35 -4.25
CA VAL C 53 21.10 28.42 -3.56
C VAL C 53 19.97 28.40 -4.59
N LEU C 54 20.08 29.22 -5.63
CA LEU C 54 18.97 29.36 -6.56
C LEU C 54 18.82 28.10 -7.41
N SER C 55 19.93 27.41 -7.70
CA SER C 55 19.83 26.15 -8.40
C SER C 55 18.93 25.24 -7.57
N LYS C 56 19.24 25.14 -6.28
CA LYS C 56 18.54 24.24 -5.38
C LYS C 56 17.06 24.63 -5.31
N VAL C 57 16.77 25.93 -5.36
CA VAL C 57 15.40 26.40 -5.31
C VAL C 57 14.63 25.89 -6.52
N CYS C 58 15.30 25.85 -7.66
CA CYS C 58 14.64 25.41 -8.89
C CYS C 58 14.36 23.92 -8.82
N MET C 59 15.28 23.18 -8.19
CA MET C 59 15.08 21.78 -7.90
C MET C 59 13.83 21.63 -7.05
N TYR C 60 13.69 22.48 -6.03
CA TYR C 60 12.50 22.42 -5.21
C TYR C 60 11.26 22.58 -6.08
N PHE C 61 11.31 23.48 -7.05
CA PHE C 61 10.14 23.71 -7.89
C PHE C 61 9.78 22.43 -8.63
N THR C 62 10.80 21.76 -9.20
CA THR C 62 10.59 20.56 -10.02
C THR C 62 9.93 19.48 -9.16
N TYR C 63 10.48 19.33 -7.95
CA TYR C 63 10.00 18.39 -6.95
C TYR C 63 8.56 18.68 -6.55
N LYS C 64 8.31 19.91 -6.09
CA LYS C 64 7.01 20.26 -5.57
C LYS C 64 5.94 19.93 -6.59
N VAL C 65 6.20 20.27 -7.86
CA VAL C 65 5.17 20.11 -8.87
C VAL C 65 4.95 18.63 -9.13
N ARG C 66 6.05 17.87 -9.19
CA ARG C 66 6.00 16.44 -9.49
C ARG C 66 5.28 15.64 -8.40
N TYR C 67 5.54 15.95 -7.13
CA TYR C 67 5.08 15.11 -6.04
C TYR C 67 3.81 15.63 -5.38
N THR C 68 3.37 16.85 -5.71
CA THR C 68 2.14 17.37 -5.16
C THR C 68 1.00 16.57 -5.76
N ASN C 69 0.06 16.18 -4.89
CA ASN C 69 -1.12 15.39 -5.22
C ASN C 69 -0.74 14.01 -5.75
N SER C 70 0.47 13.52 -5.43
CA SER C 70 0.96 12.22 -5.88
C SER C 70 0.62 11.17 -4.83
N SER C 71 -0.09 10.11 -5.23
CA SER C 71 -0.44 9.02 -4.33
C SER C 71 0.72 8.03 -4.19
N THR C 72 1.70 8.12 -5.10
CA THR C 72 3.03 7.57 -4.90
C THR C 72 3.48 7.93 -3.49
N GLU C 73 4.24 7.01 -2.89
CA GLU C 73 5.24 7.34 -1.87
C GLU C 73 6.17 8.45 -2.40
N ILE C 74 6.60 9.34 -1.50
CA ILE C 74 7.29 10.58 -1.86
C ILE C 74 8.69 10.60 -1.25
N PRO C 75 9.76 10.89 -2.02
CA PRO C 75 11.11 11.03 -1.48
C PRO C 75 11.38 12.29 -0.65
N GLU C 76 12.33 12.16 0.26
CA GLU C 76 12.76 13.28 1.09
C GLU C 76 13.41 14.31 0.18
N PHE C 77 13.24 15.59 0.50
CA PHE C 77 13.96 16.62 -0.23
C PHE C 77 15.29 16.86 0.47
N PRO C 78 16.43 16.55 -0.18
CA PRO C 78 17.75 16.64 0.46
C PRO C 78 18.24 18.07 0.57
N ILE C 79 18.89 18.39 1.69
CA ILE C 79 19.46 19.72 1.92
C ILE C 79 20.78 19.54 2.67
N ALA C 80 21.90 19.78 1.99
CA ALA C 80 23.18 19.67 2.66
C ALA C 80 23.26 20.72 3.77
N PRO C 81 23.89 20.41 4.92
CA PRO C 81 23.97 21.36 6.04
C PRO C 81 24.61 22.70 5.67
N GLU C 82 25.57 22.65 4.75
CA GLU C 82 26.33 23.84 4.36
C GLU C 82 25.43 24.87 3.69
N ILE C 83 24.31 24.45 3.05
CA ILE C 83 23.48 25.40 2.32
C ILE C 83 22.15 25.69 3.04
N ALA C 84 21.93 25.03 4.18
CA ALA C 84 20.62 24.95 4.80
C ALA C 84 20.13 26.32 5.30
N LEU C 85 21.02 27.07 5.95
CA LEU C 85 20.73 28.43 6.40
C LEU C 85 20.39 29.33 5.23
N GLU C 86 21.30 29.38 4.25
CA GLU C 86 21.09 30.20 3.08
C GLU C 86 19.74 29.90 2.41
N LEU C 87 19.37 28.62 2.38
CA LEU C 87 18.17 28.18 1.68
C LEU C 87 16.93 28.58 2.47
N LEU C 88 17.02 28.47 3.80
CA LEU C 88 15.93 28.89 4.67
C LEU C 88 15.58 30.35 4.36
N MET C 89 16.63 31.16 4.34
CA MET C 89 16.50 32.57 4.05
C MET C 89 15.81 32.77 2.71
N ALA C 90 16.36 32.13 1.67
CA ALA C 90 15.83 32.24 0.32
C ALA C 90 14.36 31.79 0.24
N ALA C 91 14.07 30.65 0.87
CA ALA C 91 12.74 30.08 0.83
C ALA C 91 11.80 31.03 1.55
N ASN C 92 12.29 31.58 2.66
CA ASN C 92 11.52 32.54 3.43
C ASN C 92 11.15 33.73 2.54
N PHE C 93 12.14 34.24 1.79
CA PHE C 93 11.99 35.45 1.00
C PHE C 93 11.04 35.21 -0.17
N LEU C 94 11.13 34.02 -0.76
CA LEU C 94 10.32 33.64 -1.91
C LEU C 94 8.92 33.17 -1.50
N ASP C 95 8.75 32.81 -0.20
CA ASP C 95 7.50 32.29 0.31
C ASP C 95 7.09 31.07 -0.51
N CYS C 96 7.71 29.92 -0.19
CA CYS C 96 7.48 28.68 -0.91
C CYS C 96 8.01 27.48 -0.10
N PRO D 9 -23.18 -16.03 -11.82
CA PRO D 9 -21.77 -16.33 -11.43
C PRO D 9 -21.36 -15.52 -10.21
N VAL D 10 -20.53 -16.12 -9.36
CA VAL D 10 -20.37 -15.72 -7.95
C VAL D 10 -19.40 -14.56 -7.82
N LEU D 11 -18.31 -14.59 -8.59
CA LEU D 11 -17.36 -13.51 -8.59
C LEU D 11 -17.76 -12.50 -9.65
N ARG D 12 -18.53 -11.51 -9.20
CA ARG D 12 -18.83 -10.36 -10.02
C ARG D 12 -18.76 -9.11 -9.15
N SER D 13 -18.71 -7.96 -9.82
CA SER D 13 -18.99 -6.70 -9.19
C SER D 13 -20.49 -6.60 -8.93
N VAL D 14 -20.88 -5.81 -7.93
CA VAL D 14 -22.27 -5.43 -7.77
C VAL D 14 -22.45 -4.10 -8.49
N ASN D 15 -23.62 -3.93 -9.13
CA ASN D 15 -23.95 -2.67 -9.75
C ASN D 15 -24.48 -1.71 -8.68
N SER D 16 -23.61 -1.13 -7.86
CA SER D 16 -24.07 -0.33 -6.74
C SER D 16 -24.29 1.12 -7.16
N ARG D 17 -23.66 1.56 -8.24
CA ARG D 17 -23.73 2.95 -8.68
C ARG D 17 -23.44 3.92 -7.52
N GLU D 18 -22.48 3.59 -6.64
CA GLU D 18 -22.03 4.52 -5.61
C GLU D 18 -20.52 4.70 -5.69
N PRO D 19 -19.99 5.87 -6.13
CA PRO D 19 -18.57 6.02 -6.39
C PRO D 19 -17.71 5.73 -5.16
N SER D 20 -16.52 5.17 -5.41
CA SER D 20 -15.44 5.04 -4.43
C SER D 20 -14.10 5.35 -5.09
N GLN D 21 -13.46 6.44 -4.65
CA GLN D 21 -12.09 6.76 -5.04
C GLN D 21 -11.15 5.73 -4.45
N VAL D 22 -10.22 5.23 -5.26
CA VAL D 22 -9.31 4.17 -4.86
C VAL D 22 -7.92 4.48 -5.41
N ILE D 23 -6.89 4.19 -4.63
CA ILE D 23 -5.50 4.28 -5.09
C ILE D 23 -5.07 2.88 -5.52
N PHE D 24 -4.65 2.75 -6.79
CA PHE D 24 -3.90 1.59 -7.20
C PHE D 24 -2.43 1.95 -7.02
N CYS D 25 -1.71 1.33 -6.07
CA CYS D 25 -0.27 1.52 -5.98
C CYS D 25 0.43 0.23 -6.37
N ASN D 26 1.30 0.31 -7.38
CA ASN D 26 2.02 -0.85 -7.87
C ASN D 26 3.36 -0.99 -7.17
N ARG D 27 3.39 -1.77 -6.09
CA ARG D 27 4.59 -1.92 -5.27
C ARG D 27 5.23 -3.25 -5.61
N SER D 28 5.17 -3.59 -6.90
CA SER D 28 5.77 -4.79 -7.43
C SER D 28 6.79 -4.38 -8.48
N PRO D 29 7.83 -5.20 -8.73
CA PRO D 29 8.75 -4.94 -9.82
C PRO D 29 8.19 -5.34 -11.18
N ARG D 30 6.95 -5.85 -11.18
CA ARG D 30 6.25 -6.22 -12.41
C ARG D 30 5.44 -5.04 -12.95
N VAL D 31 5.17 -5.09 -14.26
CA VAL D 31 4.20 -4.21 -14.89
C VAL D 31 2.78 -4.75 -14.65
N VAL D 32 1.93 -3.97 -13.96
CA VAL D 32 0.71 -4.53 -13.44
C VAL D 32 -0.42 -4.21 -14.39
N LEU D 33 -1.22 -5.21 -14.72
CA LEU D 33 -2.51 -4.98 -15.36
C LEU D 33 -3.61 -5.07 -14.32
N PRO D 34 -4.39 -3.99 -14.09
CA PRO D 34 -5.59 -4.05 -13.26
C PRO D 34 -6.71 -4.67 -14.07
N VAL D 35 -7.52 -5.47 -13.39
CA VAL D 35 -8.54 -6.28 -14.03
C VAL D 35 -9.84 -6.19 -13.22
N TRP D 36 -10.85 -5.58 -13.84
CA TRP D 36 -12.18 -5.43 -13.29
C TRP D 36 -13.02 -6.61 -13.72
N LEU D 37 -13.74 -7.20 -12.77
CA LEU D 37 -14.79 -8.16 -13.07
C LEU D 37 -16.08 -7.37 -13.27
N ASN D 38 -16.65 -7.42 -14.47
CA ASN D 38 -17.86 -6.67 -14.72
C ASN D 38 -19.00 -7.33 -13.95
N PHE D 39 -20.23 -6.86 -14.18
CA PHE D 39 -21.38 -7.28 -13.40
C PHE D 39 -21.72 -8.75 -13.69
N ASP D 40 -21.25 -9.26 -14.83
CA ASP D 40 -21.42 -10.66 -15.19
C ASP D 40 -20.23 -11.50 -14.73
N GLY D 41 -19.22 -10.87 -14.14
CA GLY D 41 -18.02 -11.58 -13.71
C GLY D 41 -17.02 -11.80 -14.83
N GLU D 42 -17.32 -11.27 -16.02
CA GLU D 42 -16.40 -11.21 -17.14
C GLU D 42 -15.24 -10.29 -16.76
N PRO D 43 -13.96 -10.72 -16.88
CA PRO D 43 -12.81 -9.86 -16.60
C PRO D 43 -12.54 -8.86 -17.71
N GLN D 44 -12.02 -7.70 -17.33
CA GLN D 44 -11.81 -6.61 -18.25
C GLN D 44 -10.46 -6.00 -17.92
N PRO D 45 -9.66 -5.64 -18.93
CA PRO D 45 -8.35 -5.01 -18.70
C PRO D 45 -8.45 -3.50 -18.50
N TYR D 46 -7.54 -2.93 -17.69
CA TYR D 46 -7.44 -1.49 -17.52
C TYR D 46 -6.01 -1.08 -17.82
N PRO D 47 -5.70 0.23 -17.86
CA PRO D 47 -4.35 0.67 -18.20
C PRO D 47 -3.35 0.08 -17.22
N THR D 48 -2.18 -0.33 -17.72
CA THR D 48 -1.20 -1.00 -16.89
C THR D 48 -0.53 0.04 -15.99
N LEU D 49 0.14 -0.42 -14.92
CA LEU D 49 0.90 0.44 -14.03
C LEU D 49 2.35 0.00 -13.98
N PRO D 50 3.29 0.89 -14.38
CA PRO D 50 4.72 0.65 -14.20
C PRO D 50 5.09 0.42 -12.75
N PRO D 51 6.20 -0.31 -12.48
CA PRO D 51 6.69 -0.52 -11.12
C PRO D 51 6.74 0.80 -10.38
N GLY D 52 6.17 0.78 -9.16
CA GLY D 52 6.28 1.90 -8.24
C GLY D 52 5.54 3.15 -8.71
N THR D 53 4.60 3.00 -9.63
CA THR D 53 3.64 4.07 -9.89
C THR D 53 2.31 3.75 -9.22
N GLY D 54 1.47 4.77 -9.08
CA GLY D 54 0.19 4.61 -8.42
C GLY D 54 -0.78 5.71 -8.81
N ARG D 55 -1.85 5.32 -9.49
CA ARG D 55 -2.91 6.25 -9.87
C ARG D 55 -4.11 6.13 -8.93
N ARG D 56 -4.85 7.26 -8.78
CA ARG D 56 -6.09 7.30 -8.04
C ARG D 56 -7.30 7.26 -9.00
N ILE D 57 -8.09 6.20 -8.89
CA ILE D 57 -9.01 5.75 -9.91
C ILE D 57 -10.42 6.10 -9.47
N HIS D 58 -11.34 6.21 -10.42
CA HIS D 58 -12.76 6.22 -10.09
C HIS D 58 -13.30 4.81 -10.25
N SER D 59 -13.58 4.13 -9.13
CA SER D 59 -14.38 2.90 -9.14
C SER D 59 -15.65 3.13 -8.33
N TYR D 60 -16.35 2.04 -7.96
CA TYR D 60 -17.62 2.10 -7.24
C TYR D 60 -17.61 1.12 -6.08
N ARG D 61 -18.42 1.42 -5.05
CA ARG D 61 -18.65 0.52 -3.94
C ARG D 61 -19.03 -0.83 -4.53
N GLY D 62 -18.50 -1.91 -3.94
CA GLY D 62 -18.93 -3.26 -4.27
C GLY D 62 -18.27 -3.86 -5.51
N HIS D 63 -17.60 -3.02 -6.32
CA HIS D 63 -16.92 -3.50 -7.51
C HIS D 63 -15.72 -4.35 -7.14
N LEU D 64 -15.34 -5.31 -8.01
CA LEU D 64 -14.25 -6.24 -7.77
C LEU D 64 -13.08 -6.02 -8.71
N TRP D 65 -11.87 -6.09 -8.15
CA TRP D 65 -10.65 -6.03 -8.95
C TRP D 65 -9.74 -7.19 -8.57
N LEU D 66 -8.85 -7.57 -9.51
CA LEU D 66 -7.69 -8.39 -9.21
C LEU D 66 -6.52 -7.93 -10.06
N PHE D 67 -5.29 -8.24 -9.62
CA PHE D 67 -4.11 -7.71 -10.30
C PHE D 67 -3.18 -8.83 -10.74
N ARG D 68 -2.59 -8.58 -11.91
CA ARG D 68 -1.98 -9.58 -12.76
C ARG D 68 -0.80 -8.91 -13.46
N ASP D 69 0.30 -9.66 -13.68
CA ASP D 69 1.43 -9.17 -14.48
C ASP D 69 0.97 -9.01 -15.92
N ALA D 70 1.13 -7.81 -16.47
CA ALA D 70 0.56 -7.50 -17.76
C ALA D 70 1.11 -8.43 -18.84
N GLY D 71 2.40 -8.78 -18.72
CA GLY D 71 3.07 -9.51 -19.78
C GLY D 71 2.94 -11.04 -19.67
N THR D 72 2.69 -11.58 -18.47
CA THR D 72 2.81 -13.01 -18.28
C THR D 72 1.55 -13.58 -17.64
N HIS D 73 0.72 -12.72 -17.06
CA HIS D 73 -0.47 -13.14 -16.35
C HIS D 73 -0.13 -13.79 -15.01
N ASP D 74 1.14 -13.71 -14.59
CA ASP D 74 1.44 -14.04 -13.22
C ASP D 74 0.49 -13.25 -12.33
N GLY D 75 -0.04 -13.92 -11.31
CA GLY D 75 -0.95 -13.27 -10.37
C GLY D 75 -0.20 -12.53 -9.27
N LEU D 76 -0.85 -11.49 -8.75
CA LEU D 76 -0.25 -10.59 -7.77
C LEU D 76 -1.21 -10.40 -6.63
N LEU D 77 -0.71 -9.91 -5.50
CA LEU D 77 -1.57 -9.70 -4.36
C LEU D 77 -2.08 -8.27 -4.37
N VAL D 78 -3.08 -8.01 -3.53
CA VAL D 78 -3.56 -6.66 -3.32
C VAL D 78 -4.11 -6.54 -1.91
N ASN D 79 -3.37 -5.79 -1.10
CA ASN D 79 -3.57 -5.72 0.35
C ASN D 79 -3.53 -7.12 0.95
N GLN D 80 -2.53 -7.92 0.54
CA GLN D 80 -2.25 -9.27 1.00
C GLN D 80 -3.30 -10.29 0.58
N THR D 81 -4.30 -9.95 -0.25
CA THR D 81 -5.27 -10.93 -0.70
C THR D 81 -5.23 -11.02 -2.21
N GLU D 82 -6.08 -11.90 -2.76
CA GLU D 82 -6.16 -12.20 -4.18
C GLU D 82 -7.14 -11.27 -4.90
N LEU D 83 -8.16 -10.78 -4.16
CA LEU D 83 -9.20 -9.93 -4.71
C LEU D 83 -9.31 -8.66 -3.87
N PHE D 84 -9.75 -7.58 -4.52
CA PHE D 84 -9.90 -6.29 -3.89
C PHE D 84 -11.33 -5.79 -4.09
N VAL D 85 -11.97 -5.34 -3.00
CA VAL D 85 -13.25 -4.66 -3.11
C VAL D 85 -13.27 -3.45 -2.20
N PRO D 86 -13.50 -2.25 -2.76
CA PRO D 86 -13.56 -1.02 -1.99
C PRO D 86 -14.77 -1.01 -1.07
N SER D 87 -14.51 -0.52 0.15
CA SER D 87 -15.55 -0.07 1.06
C SER D 87 -16.19 1.22 0.53
N LEU D 88 -17.03 1.84 1.36
CA LEU D 88 -17.31 3.25 1.17
C LEU D 88 -16.25 4.06 1.94
N ASN D 89 -15.92 5.21 1.35
CA ASN D 89 -14.82 6.02 1.82
C ASN D 89 -15.34 6.88 2.96
N VAL D 90 -14.59 6.89 4.06
CA VAL D 90 -14.92 7.71 5.22
C VAL D 90 -14.46 9.15 4.95
N ASP D 91 -15.42 10.06 4.78
CA ASP D 91 -15.15 11.49 4.73
C ASP D 91 -14.23 11.82 3.56
N GLY D 92 -14.53 11.29 2.36
CA GLY D 92 -13.76 11.62 1.17
C GLY D 92 -12.44 10.86 1.05
N GLN D 93 -11.91 10.33 2.15
CA GLN D 93 -10.68 9.55 2.16
C GLN D 93 -10.65 8.50 1.04
N PRO D 94 -9.54 8.34 0.27
CA PRO D 94 -9.46 7.29 -0.75
C PRO D 94 -9.07 5.96 -0.11
N ILE D 95 -9.31 4.83 -0.80
CA ILE D 95 -8.93 3.51 -0.32
C ILE D 95 -7.70 3.03 -1.08
N PHE D 96 -6.71 2.50 -0.35
CA PHE D 96 -5.46 2.04 -0.95
C PHE D 96 -5.54 0.58 -1.37
N ALA D 97 -4.92 0.30 -2.51
CA ALA D 97 -4.54 -1.04 -2.89
C ALA D 97 -3.03 -1.11 -3.07
N ASN D 98 -2.31 -1.75 -2.13
CA ASN D 98 -0.95 -2.20 -2.38
C ASN D 98 -0.96 -3.45 -3.24
N ILE D 99 -0.60 -3.26 -4.50
CA ILE D 99 -0.36 -4.38 -5.37
C ILE D 99 1.06 -4.82 -5.09
N THR D 100 1.21 -6.06 -4.62
CA THR D 100 2.53 -6.61 -4.35
C THR D 100 2.72 -7.93 -5.09
N LEU D 101 3.99 -8.39 -5.12
CA LEU D 101 4.27 -9.76 -5.46
C LEU D 101 3.72 -10.62 -4.33
N PRO D 102 3.33 -11.87 -4.66
CA PRO D 102 3.18 -12.89 -3.66
C PRO D 102 4.54 -13.56 -3.50
N VAL D 103 4.68 -14.36 -2.44
CA VAL D 103 5.72 -15.36 -2.41
C VAL D 103 5.22 -16.51 -3.28
N TYR D 104 5.64 -16.50 -4.54
CA TYR D 104 5.54 -17.68 -5.39
C TYR D 104 6.25 -18.86 -4.73
N THR D 105 5.83 -20.07 -5.10
CA THR D 105 6.58 -21.27 -4.79
C THR D 105 7.86 -21.25 -5.62
N LEU D 106 8.93 -21.84 -5.11
CA LEU D 106 10.15 -21.92 -5.87
C LEU D 106 9.89 -22.60 -7.20
N LYS D 107 9.03 -23.61 -7.22
CA LYS D 107 8.71 -24.27 -8.48
C LYS D 107 8.07 -23.28 -9.47
N GLU D 108 6.99 -22.61 -9.05
CA GLU D 108 6.29 -21.72 -9.97
C GLU D 108 7.26 -20.64 -10.43
N ARG D 109 8.06 -20.11 -9.49
CA ARG D 109 8.96 -19.00 -9.79
C ARG D 109 9.96 -19.41 -10.87
N CYS D 110 10.47 -20.65 -10.76
CA CYS D 110 11.38 -21.20 -11.74
C CYS D 110 10.70 -21.33 -13.11
N LEU D 111 9.43 -21.78 -13.12
CA LEU D 111 8.64 -21.87 -14.33
C LEU D 111 8.57 -20.48 -14.98
N GLN D 112 8.29 -19.46 -14.15
CA GLN D 112 8.21 -18.09 -14.59
C GLN D 112 9.44 -17.79 -15.41
N VAL D 113 10.61 -18.02 -14.79
CA VAL D 113 11.88 -17.58 -15.34
C VAL D 113 12.17 -18.32 -16.65
N VAL D 114 11.95 -19.63 -16.64
CA VAL D 114 12.22 -20.44 -17.83
C VAL D 114 11.34 -19.93 -18.96
N ARG D 115 10.02 -19.87 -18.71
CA ARG D 115 9.04 -19.40 -19.68
C ARG D 115 9.54 -18.13 -20.37
N SER D 116 10.17 -17.24 -19.58
CA SER D 116 10.61 -15.93 -20.00
C SER D 116 11.82 -15.99 -20.92
N LEU D 117 12.58 -17.10 -20.87
CA LEU D 117 13.83 -17.25 -21.60
C LEU D 117 13.66 -18.13 -22.84
N VAL D 118 12.48 -18.74 -23.03
CA VAL D 118 12.28 -19.80 -24.02
C VAL D 118 10.91 -19.67 -24.69
N LYS D 119 10.87 -19.74 -26.03
CA LYS D 119 9.62 -19.63 -26.78
C LYS D 119 8.78 -20.88 -26.53
N PRO D 120 7.44 -20.79 -26.39
CA PRO D 120 6.62 -21.96 -26.07
C PRO D 120 6.94 -23.20 -26.88
N GLU D 121 7.17 -23.00 -28.18
CA GLU D 121 7.49 -24.06 -29.13
C GLU D 121 8.72 -24.85 -28.70
N ASN D 122 9.59 -24.24 -27.89
CA ASN D 122 10.84 -24.89 -27.56
C ASN D 122 10.81 -25.53 -26.19
N TYR D 123 9.75 -25.31 -25.41
CA TYR D 123 9.69 -25.92 -24.10
C TYR D 123 10.15 -27.37 -24.23
N ARG D 124 9.70 -28.00 -25.34
CA ARG D 124 9.88 -29.42 -25.58
C ARG D 124 11.28 -29.74 -26.11
N ARG D 125 12.20 -28.76 -26.14
CA ARG D 125 13.59 -29.04 -26.46
C ARG D 125 14.48 -28.97 -25.22
N LEU D 126 13.91 -28.89 -24.02
CA LEU D 126 14.71 -28.70 -22.82
C LEU D 126 14.93 -30.06 -22.17
N ASP D 127 16.14 -30.26 -21.63
CA ASP D 127 16.47 -31.54 -21.02
C ASP D 127 15.82 -31.60 -19.64
N ILE D 128 14.50 -31.88 -19.63
CA ILE D 128 13.75 -32.00 -18.40
C ILE D 128 12.69 -33.10 -18.53
N VAL D 129 12.25 -33.62 -17.37
CA VAL D 129 11.18 -34.60 -17.27
C VAL D 129 9.93 -34.09 -18.00
N ARG D 130 9.14 -35.03 -18.55
CA ARG D 130 7.98 -34.76 -19.39
C ARG D 130 6.93 -33.91 -18.66
N SER D 131 6.72 -34.17 -17.36
CA SER D 131 5.77 -33.41 -16.56
C SER D 131 6.07 -31.91 -16.63
N LEU D 132 7.34 -31.55 -16.53
CA LEU D 132 7.74 -30.16 -16.52
C LEU D 132 7.49 -29.47 -17.87
N TYR D 133 7.42 -30.23 -18.98
CA TYR D 133 6.99 -29.63 -20.24
C TYR D 133 5.53 -29.18 -20.13
N GLU D 134 4.70 -30.02 -19.49
CA GLU D 134 3.30 -29.70 -19.28
C GLU D 134 3.17 -28.54 -18.29
N ASP D 135 3.97 -28.61 -17.22
CA ASP D 135 3.96 -27.60 -16.16
C ASP D 135 4.29 -26.25 -16.76
N LEU D 136 5.29 -26.18 -17.65
CA LEU D 136 5.62 -24.93 -18.34
C LEU D 136 4.44 -24.45 -19.19
N GLU D 137 3.83 -25.38 -19.94
CA GLU D 137 2.80 -25.05 -20.91
C GLU D 137 1.55 -24.53 -20.22
N ASP D 138 1.31 -24.99 -18.98
CA ASP D 138 0.16 -24.55 -18.21
C ASP D 138 0.40 -23.11 -17.76
N HIS D 139 0.18 -22.12 -18.64
CA HIS D 139 0.45 -20.74 -18.30
C HIS D 139 -0.54 -20.29 -17.25
N PRO D 140 -0.22 -19.24 -16.44
CA PRO D 140 -1.19 -18.67 -15.53
C PRO D 140 -2.19 -17.98 -16.42
N ASN D 141 -3.38 -17.77 -15.85
CA ASN D 141 -4.57 -17.44 -16.61
C ASN D 141 -5.61 -16.96 -15.61
N VAL D 142 -6.37 -15.93 -15.97
CA VAL D 142 -7.30 -15.32 -15.02
C VAL D 142 -8.53 -16.20 -14.81
N GLN D 143 -9.08 -16.75 -15.91
CA GLN D 143 -10.37 -17.44 -15.85
C GLN D 143 -10.22 -18.70 -15.00
N LYS D 144 -8.97 -19.14 -14.78
CA LYS D 144 -8.69 -20.40 -14.10
C LYS D 144 -8.42 -20.15 -12.62
N ASP D 145 -7.90 -18.97 -12.29
CA ASP D 145 -7.81 -18.55 -10.90
C ASP D 145 -9.20 -18.15 -10.42
N LEU D 146 -9.99 -17.53 -11.31
CA LEU D 146 -11.38 -17.24 -11.01
C LEU D 146 -12.10 -18.54 -10.63
N GLU D 147 -11.94 -19.61 -11.45
CA GLU D 147 -12.54 -20.92 -11.16
C GLU D 147 -12.10 -21.42 -9.78
N ARG D 148 -10.79 -21.45 -9.55
CA ARG D 148 -10.25 -21.88 -8.27
C ARG D 148 -10.85 -21.04 -7.14
N LEU D 149 -10.86 -19.72 -7.31
CA LEU D 149 -11.34 -18.85 -6.25
C LEU D 149 -12.83 -19.09 -6.03
N THR D 150 -13.57 -19.40 -7.11
CA THR D 150 -15.01 -19.57 -7.02
C THR D 150 -15.29 -20.74 -6.08
N GLN D 151 -14.60 -21.88 -6.27
CA GLN D 151 -14.82 -23.08 -5.48
C GLN D 151 -14.43 -22.85 -4.02
N GLU D 152 -13.41 -22.02 -3.78
CA GLU D 152 -12.94 -21.72 -2.43
C GLU D 152 -13.99 -20.91 -1.68
N ARG D 153 -14.48 -19.83 -2.29
CA ARG D 153 -15.47 -18.95 -1.68
C ARG D 153 -16.62 -19.77 -1.13
N ILE D 154 -17.26 -20.57 -2.00
CA ILE D 154 -18.44 -21.30 -1.60
C ILE D 154 -18.08 -22.18 -0.39
N ALA D 155 -16.91 -22.83 -0.43
CA ALA D 155 -16.42 -23.64 0.67
C ALA D 155 -15.74 -22.77 1.72
N MET E 1 18.35 -3.41 11.90
CA MET E 1 17.41 -4.21 11.09
C MET E 1 18.15 -5.42 10.55
N ASP E 2 17.39 -6.50 10.26
CA ASP E 2 17.92 -7.83 10.02
C ASP E 2 18.94 -7.84 8.87
N VAL E 3 19.95 -8.70 8.98
CA VAL E 3 20.85 -9.01 7.89
C VAL E 3 20.91 -10.53 7.74
N PHE E 4 21.06 -11.02 6.51
CA PHE E 4 21.00 -12.46 6.25
C PHE E 4 22.36 -12.92 5.73
N LEU E 5 22.87 -14.04 6.27
CA LEU E 5 24.28 -14.37 6.19
C LEU E 5 24.48 -15.83 5.83
N MET E 6 25.56 -16.06 5.08
CA MET E 6 26.12 -17.38 4.86
C MET E 6 27.49 -17.41 5.52
N ILE E 7 27.59 -18.15 6.62
CA ILE E 7 28.86 -18.34 7.32
C ILE E 7 29.53 -19.59 6.77
N ARG E 8 30.72 -19.40 6.17
CA ARG E 8 31.29 -20.40 5.29
C ARG E 8 32.70 -20.79 5.73
N ARG E 9 32.91 -22.12 5.83
CA ARG E 9 34.19 -22.71 6.16
C ARG E 9 34.36 -24.03 5.40
N HIS E 10 35.46 -24.11 4.63
CA HIS E 10 35.77 -25.28 3.83
C HIS E 10 34.51 -25.60 3.02
N LYS E 11 33.96 -26.80 3.22
CA LYS E 11 32.74 -27.18 2.54
C LYS E 11 31.64 -27.21 3.59
N THR E 12 31.34 -26.03 4.14
CA THR E 12 30.33 -25.87 5.18
C THR E 12 29.77 -24.45 5.11
N THR E 13 28.44 -24.37 5.14
CA THR E 13 27.72 -23.12 4.93
C THR E 13 26.55 -23.05 5.90
N ILE E 14 26.54 -22.02 6.78
CA ILE E 14 25.46 -21.82 7.74
C ILE E 14 24.55 -20.70 7.26
N PHE E 15 23.26 -21.01 7.11
CA PHE E 15 22.28 -20.01 6.75
C PHE E 15 21.66 -19.48 8.02
N THR E 16 21.95 -18.21 8.32
CA THR E 16 21.47 -17.63 9.56
C THR E 16 21.42 -16.11 9.43
N ASP E 17 20.50 -15.53 10.20
CA ASP E 17 20.22 -14.11 10.24
C ASP E 17 20.93 -13.54 11.45
N ALA E 18 20.84 -12.22 11.59
CA ALA E 18 21.23 -11.55 12.81
C ALA E 18 20.96 -10.06 12.63
N LYS E 19 21.00 -9.33 13.75
CA LYS E 19 20.77 -7.90 13.76
C LYS E 19 21.97 -7.21 13.10
N GLU E 20 21.74 -6.05 12.48
CA GLU E 20 22.82 -5.18 12.02
C GLU E 20 23.67 -4.65 13.17
N SER E 21 23.01 -4.36 14.30
CA SER E 21 23.67 -3.80 15.46
C SER E 21 24.26 -4.91 16.33
N SER E 22 24.27 -6.15 15.82
CA SER E 22 24.81 -7.30 16.55
C SER E 22 26.32 -7.37 16.37
N THR E 23 27.02 -7.73 17.45
CA THR E 23 28.47 -7.77 17.48
C THR E 23 28.98 -9.02 16.77
N VAL E 24 30.25 -8.98 16.38
CA VAL E 24 30.90 -10.11 15.76
C VAL E 24 31.02 -11.24 16.79
N PHE E 25 31.27 -10.92 18.06
CA PHE E 25 31.40 -11.99 19.05
C PHE E 25 30.03 -12.61 19.32
N GLU E 26 28.94 -11.86 19.07
CA GLU E 26 27.60 -12.44 19.14
C GLU E 26 27.46 -13.55 18.10
N LEU E 27 28.02 -13.29 16.90
CA LEU E 27 27.93 -14.18 15.77
C LEU E 27 28.67 -15.47 16.08
N LYS E 28 29.80 -15.33 16.78
CA LYS E 28 30.60 -16.47 17.18
C LYS E 28 29.79 -17.36 18.14
N ARG E 29 28.98 -16.73 19.01
CA ARG E 29 28.17 -17.47 19.99
C ARG E 29 27.13 -18.33 19.27
N ILE E 30 26.66 -17.88 18.11
CA ILE E 30 25.76 -18.66 17.28
C ILE E 30 26.49 -19.83 16.65
N VAL E 31 27.62 -19.50 16.01
CA VAL E 31 28.48 -20.49 15.38
C VAL E 31 28.76 -21.61 16.38
N GLU E 32 29.02 -21.24 17.66
CA GLU E 32 29.22 -22.21 18.73
C GLU E 32 27.97 -23.08 18.89
N GLY E 33 26.79 -22.46 18.86
CA GLY E 33 25.51 -23.15 18.92
C GLY E 33 25.32 -24.25 17.88
N ILE E 34 26.23 -24.39 16.90
CA ILE E 34 26.04 -25.29 15.77
C ILE E 34 27.28 -26.16 15.57
N LEU E 35 28.45 -25.55 15.39
CA LEU E 35 29.68 -26.31 15.16
C LEU E 35 30.30 -26.73 16.50
N LYS E 36 29.79 -26.18 17.61
CA LYS E 36 30.17 -26.59 18.96
C LYS E 36 31.56 -26.06 19.33
N ARG E 37 32.16 -25.21 18.49
CA ARG E 37 33.49 -24.68 18.77
C ARG E 37 33.31 -23.39 19.56
N PRO E 38 34.16 -23.09 20.58
CA PRO E 38 34.05 -21.84 21.34
C PRO E 38 34.59 -20.63 20.57
N PRO E 39 34.02 -19.43 20.79
CA PRO E 39 34.43 -18.20 20.08
C PRO E 39 35.91 -17.85 19.96
N ASP E 40 36.71 -18.26 20.95
CA ASP E 40 38.13 -17.97 20.97
C ASP E 40 38.89 -18.81 19.93
N GLU E 41 38.21 -19.83 19.36
CA GLU E 41 38.77 -20.68 18.33
C GLU E 41 38.27 -20.28 16.94
N GLN E 42 37.69 -19.08 16.83
CA GLN E 42 36.99 -18.67 15.62
C GLN E 42 37.44 -17.29 15.17
N ARG E 43 37.97 -17.19 13.94
CA ARG E 43 38.12 -15.91 13.28
C ARG E 43 37.08 -15.82 12.15
N LEU E 44 36.51 -14.62 11.95
CA LEU E 44 35.48 -14.38 10.95
C LEU E 44 35.92 -13.24 10.03
N TYR E 45 35.58 -13.36 8.74
CA TYR E 45 36.14 -12.49 7.72
C TYR E 45 35.05 -11.96 6.79
N LYS E 46 35.10 -10.65 6.50
CA LYS E 46 34.42 -10.09 5.34
C LYS E 46 35.41 -10.04 4.17
N ASP E 47 35.33 -11.06 3.30
CA ASP E 47 36.34 -11.37 2.30
C ASP E 47 37.56 -11.92 3.01
N ASP E 48 38.69 -11.20 2.91
CA ASP E 48 39.93 -11.53 3.59
C ASP E 48 40.11 -10.64 4.80
N GLN E 49 39.35 -9.54 4.87
CA GLN E 49 39.42 -8.65 6.02
C GLN E 49 38.96 -9.39 7.28
N LEU E 50 39.88 -9.66 8.22
CA LEU E 50 39.52 -10.18 9.53
C LEU E 50 38.64 -9.16 10.25
N LEU E 51 37.68 -9.65 11.03
CA LEU E 51 36.68 -8.79 11.64
C LEU E 51 36.97 -8.62 13.13
N ASP E 52 37.26 -7.38 13.53
CA ASP E 52 37.48 -7.03 14.93
C ASP E 52 36.29 -7.54 15.76
N ASP E 53 36.60 -8.24 16.86
CA ASP E 53 35.65 -9.07 17.60
C ASP E 53 34.49 -8.23 18.16
N GLY E 54 34.78 -6.99 18.53
CA GLY E 54 33.82 -6.15 19.23
C GLY E 54 33.14 -5.14 18.30
N LYS E 55 33.21 -5.37 16.98
CA LYS E 55 32.46 -4.57 16.01
C LYS E 55 31.05 -5.14 15.90
N THR E 56 30.12 -4.29 15.47
CA THR E 56 28.83 -4.75 14.99
C THR E 56 28.99 -5.15 13.54
N LEU E 57 28.19 -6.15 13.12
CA LEU E 57 28.06 -6.51 11.71
C LEU E 57 27.78 -5.25 10.88
N GLY E 58 26.93 -4.37 11.43
CA GLY E 58 26.71 -3.05 10.88
C GLY E 58 28.01 -2.35 10.52
N GLU E 59 28.88 -2.18 11.53
CA GLU E 59 30.17 -1.53 11.37
C GLU E 59 31.04 -2.27 10.34
N CYS E 60 31.01 -3.60 10.33
CA CYS E 60 31.85 -4.38 9.42
C CYS E 60 31.46 -4.16 7.95
N GLY E 61 30.23 -3.71 7.70
CA GLY E 61 29.80 -3.39 6.35
C GLY E 61 28.65 -4.27 5.82
N PHE E 62 27.99 -5.03 6.71
CA PHE E 62 26.80 -5.79 6.37
C PHE E 62 25.56 -4.98 6.68
N THR E 63 24.62 -4.87 5.73
CA THR E 63 23.46 -3.99 5.92
C THR E 63 22.18 -4.61 5.37
N SER E 64 21.04 -4.04 5.79
CA SER E 64 19.72 -4.56 5.49
C SER E 64 19.68 -4.98 4.03
N GLN E 65 20.35 -4.19 3.19
CA GLN E 65 20.55 -4.46 1.77
C GLN E 65 22.03 -4.80 1.55
N THR E 66 22.31 -5.68 0.58
CA THR E 66 23.57 -6.41 0.43
C THR E 66 23.70 -7.64 1.35
N ALA E 67 22.73 -7.88 2.24
CA ALA E 67 22.71 -9.10 3.03
C ALA E 67 21.26 -9.56 3.19
N ARG E 68 20.67 -9.95 2.07
CA ARG E 68 19.23 -10.17 1.97
C ARG E 68 18.93 -11.66 1.93
N PRO E 69 17.70 -12.10 2.33
CA PRO E 69 17.45 -13.53 2.47
C PRO E 69 17.72 -14.29 1.17
N GLN E 70 17.39 -13.66 0.04
CA GLN E 70 17.51 -14.28 -1.27
C GLN E 70 18.91 -14.07 -1.85
N ALA E 71 19.77 -13.35 -1.12
CA ALA E 71 21.10 -13.02 -1.60
C ALA E 71 21.99 -12.71 -0.39
N PRO E 72 22.21 -13.70 0.51
CA PRO E 72 22.76 -13.42 1.82
C PRO E 72 24.27 -13.26 1.68
N ALA E 73 24.83 -12.32 2.46
CA ALA E 73 26.24 -11.99 2.41
C ALA E 73 27.05 -13.10 3.05
N THR E 74 28.34 -13.16 2.70
CA THR E 74 29.19 -14.28 3.09
C THR E 74 30.19 -13.86 4.16
N VAL E 75 30.24 -14.63 5.25
CA VAL E 75 31.19 -14.43 6.33
C VAL E 75 32.10 -15.64 6.37
N GLY E 76 33.39 -15.42 6.04
CA GLY E 76 34.37 -16.48 6.12
C GLY E 76 34.69 -16.84 7.58
N LEU E 77 34.79 -18.14 7.85
CA LEU E 77 35.12 -18.65 9.18
C LEU E 77 36.35 -19.56 9.08
N ALA E 78 37.26 -19.37 10.05
CA ALA E 78 38.45 -20.20 10.18
C ALA E 78 38.62 -20.59 11.66
N PHE E 79 38.97 -21.85 11.88
CA PHE E 79 39.10 -22.40 13.23
C PHE E 79 40.58 -22.50 13.64
N ARG E 80 40.79 -22.69 14.95
CA ARG E 80 42.12 -22.89 15.51
C ARG E 80 42.20 -24.29 16.10
N ALA E 81 43.25 -25.02 15.70
CA ALA E 81 43.64 -26.25 16.37
C ALA E 81 45.08 -26.09 16.86
N ASP E 82 45.28 -26.22 18.17
CA ASP E 82 46.60 -26.34 18.76
C ASP E 82 47.41 -25.07 18.46
N ASP E 83 46.76 -23.92 18.69
CA ASP E 83 47.39 -22.62 18.87
C ASP E 83 47.71 -21.93 17.54
N THR E 84 47.40 -22.55 16.39
CA THR E 84 47.51 -21.87 15.11
C THR E 84 46.14 -21.91 14.44
N PHE E 85 45.72 -20.75 13.93
CA PHE E 85 44.54 -20.66 13.08
C PHE E 85 44.87 -21.19 11.69
N GLU E 86 43.90 -21.84 11.06
CA GLU E 86 44.01 -22.16 9.65
C GLU E 86 43.78 -20.87 8.86
N ALA E 87 44.27 -20.85 7.61
CA ALA E 87 43.93 -19.77 6.70
C ALA E 87 42.47 -19.98 6.30
N LEU E 88 41.73 -18.88 6.26
CA LEU E 88 40.37 -18.89 5.76
C LEU E 88 40.33 -19.70 4.47
N CYS E 89 39.56 -20.78 4.46
CA CYS E 89 39.47 -21.61 3.27
C CYS E 89 38.00 -21.93 2.99
N ILE E 90 37.49 -21.48 1.83
CA ILE E 90 36.10 -21.69 1.44
C ILE E 90 36.09 -22.37 0.07
N GLU E 91 35.80 -23.68 0.07
CA GLU E 91 35.63 -24.44 -1.16
C GLU E 91 34.46 -23.86 -1.95
N PRO E 92 34.64 -23.41 -3.22
CA PRO E 92 33.52 -22.82 -3.96
C PRO E 92 32.46 -23.88 -4.30
N PHE E 93 31.28 -23.42 -4.70
CA PHE E 93 30.20 -24.30 -5.13
C PHE E 93 30.46 -24.76 -6.57
N SER E 94 29.67 -25.74 -7.03
CA SER E 94 29.76 -26.22 -8.39
C SER E 94 29.61 -25.08 -9.39
N SER E 95 29.89 -25.37 -10.67
CA SER E 95 29.57 -24.45 -11.74
C SER E 95 28.38 -24.96 -12.54
N PRO E 96 27.44 -24.08 -12.94
CA PRO E 96 26.26 -24.51 -13.67
C PRO E 96 26.62 -24.71 -15.14
N PRO E 97 26.05 -25.75 -15.80
CA PRO E 97 26.39 -26.07 -17.19
C PRO E 97 26.20 -24.96 -18.23
N GLU E 98 26.84 -25.16 -19.39
CA GLU E 98 26.63 -24.34 -20.58
C GLU E 98 25.14 -24.03 -20.68
N LEU E 99 24.79 -22.75 -20.81
CA LEU E 99 23.39 -22.37 -20.96
C LEU E 99 22.82 -23.04 -22.19
N PRO E 100 21.66 -23.72 -22.11
CA PRO E 100 21.02 -24.30 -23.29
C PRO E 100 20.87 -23.30 -24.43
N ASP E 101 20.82 -23.80 -25.67
CA ASP E 101 20.73 -22.90 -26.81
C ASP E 101 19.36 -22.25 -26.82
N VAL E 102 18.35 -23.08 -26.58
CA VAL E 102 16.98 -22.60 -26.55
C VAL E 102 16.80 -21.49 -25.51
N MET E 103 17.79 -21.26 -24.63
CA MET E 103 17.73 -20.23 -23.60
C MET E 103 18.73 -19.11 -23.87
N LYS E 104 18.87 -18.67 -25.13
CA LYS E 104 19.70 -17.50 -25.39
C LYS E 104 18.84 -16.40 -26.04
N MET F 1 16.52 -25.30 16.51
CA MET F 1 17.28 -26.49 16.03
C MET F 1 17.55 -26.32 14.54
N TYR F 2 18.76 -26.66 14.09
CA TYR F 2 19.12 -26.58 12.68
C TYR F 2 19.05 -27.97 12.05
N VAL F 3 19.35 -28.08 10.74
CA VAL F 3 19.52 -29.37 10.08
C VAL F 3 20.53 -29.23 8.94
N LYS F 4 21.19 -30.35 8.61
CA LYS F 4 22.25 -30.37 7.62
C LYS F 4 21.70 -30.95 6.33
N LEU F 5 21.99 -30.29 5.21
CA LEU F 5 21.65 -30.77 3.88
C LEU F 5 22.95 -30.89 3.10
N ILE F 6 23.05 -31.92 2.25
CA ILE F 6 24.32 -32.20 1.60
C ILE F 6 24.15 -32.31 0.09
N SER F 7 24.99 -31.56 -0.64
CA SER F 7 24.95 -31.61 -2.09
C SER F 7 25.52 -32.93 -2.61
N SER F 8 25.35 -33.16 -3.91
CA SER F 8 26.01 -34.23 -4.61
C SER F 8 27.52 -34.04 -4.48
N ASP F 9 27.99 -32.78 -4.58
CA ASP F 9 29.42 -32.52 -4.52
C ASP F 9 29.89 -32.51 -3.07
N GLY F 10 28.97 -32.72 -2.12
CA GLY F 10 29.35 -33.01 -0.75
C GLY F 10 29.40 -31.77 0.15
N HIS F 11 29.18 -30.57 -0.42
CA HIS F 11 28.98 -29.35 0.35
C HIS F 11 27.87 -29.56 1.38
N GLU F 12 28.09 -29.01 2.58
CA GLU F 12 27.16 -29.18 3.69
C GLU F 12 26.50 -27.86 4.03
N PHE F 13 25.15 -27.87 3.99
CA PHE F 13 24.33 -26.69 4.13
C PHE F 13 23.50 -26.83 5.41
N ILE F 14 23.74 -25.96 6.41
CA ILE F 14 23.08 -26.04 7.70
C ILE F 14 22.09 -24.89 7.86
N VAL F 15 20.79 -25.22 7.94
CA VAL F 15 19.74 -24.20 7.94
C VAL F 15 18.77 -24.48 9.07
N LYS F 16 18.09 -23.44 9.56
CA LYS F 16 17.12 -23.60 10.62
C LYS F 16 16.10 -24.65 10.21
N ARG F 17 15.72 -25.54 11.13
CA ARG F 17 14.77 -26.61 10.82
C ARG F 17 13.51 -26.03 10.21
N GLU F 18 13.07 -24.88 10.74
CA GLU F 18 11.79 -24.30 10.36
C GLU F 18 11.79 -23.96 8.88
N HIS F 19 12.95 -23.52 8.38
CA HIS F 19 13.12 -23.10 7.00
C HIS F 19 13.13 -24.32 6.06
N ALA F 20 13.72 -25.43 6.53
CA ALA F 20 13.87 -26.62 5.71
C ALA F 20 12.52 -27.28 5.47
N LEU F 21 11.62 -27.16 6.46
CA LEU F 21 10.31 -27.78 6.37
C LEU F 21 9.48 -27.12 5.28
N THR F 22 9.99 -26.02 4.72
CA THR F 22 9.36 -25.37 3.58
C THR F 22 9.15 -26.38 2.46
N SER F 23 10.08 -27.34 2.32
CA SER F 23 9.93 -28.44 1.38
C SER F 23 9.10 -29.56 2.00
N GLY F 24 8.13 -30.03 1.21
CA GLY F 24 7.33 -31.18 1.57
C GLY F 24 8.15 -32.46 1.61
N THR F 25 9.15 -32.54 0.74
CA THR F 25 9.91 -33.78 0.67
C THR F 25 11.10 -33.72 1.62
N ILE F 26 11.28 -32.59 2.34
CA ILE F 26 12.25 -32.57 3.43
C ILE F 26 11.48 -32.70 4.74
N LYS F 27 10.16 -32.89 4.68
CA LYS F 27 9.39 -33.20 5.89
C LYS F 27 9.46 -34.69 6.16
N ALA F 28 8.95 -35.46 5.18
CA ALA F 28 9.29 -36.87 5.08
C ALA F 28 10.74 -37.06 5.49
N MET F 29 11.67 -36.88 4.53
CA MET F 29 13.04 -37.35 4.68
C MET F 29 13.52 -37.18 6.12
N LEU F 30 13.01 -36.17 6.84
CA LEU F 30 13.22 -36.03 8.29
C LEU F 30 12.18 -36.87 9.04
N THR F 41 21.69 -38.48 11.03
CA THR F 41 20.57 -38.00 11.88
C THR F 41 20.47 -36.48 11.79
N ASN F 42 19.29 -35.96 11.38
CA ASN F 42 19.09 -34.57 11.01
C ASN F 42 19.95 -34.21 9.81
N GLU F 43 20.26 -35.22 9.00
CA GLU F 43 21.14 -35.07 7.87
C GLU F 43 20.22 -35.38 6.69
N VAL F 44 20.57 -34.87 5.50
CA VAL F 44 19.95 -35.32 4.26
C VAL F 44 20.97 -35.21 3.13
N ASN F 45 21.17 -36.33 2.40
CA ASN F 45 21.91 -36.27 1.16
C ASN F 45 20.97 -36.10 -0.03
N PHE F 46 21.38 -35.20 -0.92
CA PHE F 46 20.82 -35.06 -2.25
C PHE F 46 21.91 -35.48 -3.23
N ARG F 47 21.74 -36.69 -3.77
CA ARG F 47 22.71 -37.30 -4.66
C ARG F 47 22.61 -36.63 -6.04
N GLU F 48 21.44 -36.05 -6.35
CA GLU F 48 21.19 -35.48 -7.67
C GLU F 48 21.50 -33.97 -7.72
N ILE F 49 21.54 -33.30 -6.55
CA ILE F 49 21.46 -31.85 -6.51
C ILE F 49 22.79 -31.25 -6.05
N PRO F 50 23.50 -30.50 -6.92
CA PRO F 50 24.79 -29.93 -6.56
C PRO F 50 24.69 -28.69 -5.67
N SER F 51 25.86 -28.17 -5.28
CA SER F 51 25.95 -27.02 -4.40
C SER F 51 25.28 -25.79 -5.00
N HIS F 52 25.64 -25.41 -6.23
CA HIS F 52 25.18 -24.14 -6.78
C HIS F 52 23.64 -24.11 -6.80
N VAL F 53 23.03 -25.29 -6.89
CA VAL F 53 21.59 -25.41 -6.87
C VAL F 53 21.09 -25.42 -5.43
N LEU F 54 21.68 -26.27 -4.57
CA LEU F 54 21.16 -26.42 -3.23
C LEU F 54 21.42 -25.18 -2.38
N SER F 55 22.52 -24.46 -2.64
CA SER F 55 22.74 -23.21 -1.94
C SER F 55 21.54 -22.31 -2.22
N LYS F 56 21.19 -22.18 -3.50
CA LYS F 56 20.12 -21.30 -3.95
C LYS F 56 18.80 -21.73 -3.28
N VAL F 57 18.60 -23.04 -3.12
CA VAL F 57 17.38 -23.54 -2.54
C VAL F 57 17.27 -23.10 -1.09
N CYS F 58 18.41 -23.03 -0.39
CA CYS F 58 18.41 -22.62 0.99
C CYS F 58 18.06 -21.14 1.11
N MET F 59 18.55 -20.36 0.15
CA MET F 59 18.19 -18.97 0.02
C MET F 59 16.67 -18.85 -0.15
N TYR F 60 16.09 -19.71 -1.00
CA TYR F 60 14.65 -19.69 -1.16
C TYR F 60 13.98 -19.93 0.19
N PHE F 61 14.53 -20.84 1.00
CA PHE F 61 13.92 -21.11 2.29
C PHE F 61 13.90 -19.83 3.14
N THR F 62 15.05 -19.12 3.18
CA THR F 62 15.20 -17.93 4.01
C THR F 62 14.17 -16.90 3.59
N TYR F 63 14.05 -16.72 2.28
CA TYR F 63 13.12 -15.80 1.65
C TYR F 63 11.68 -16.17 1.97
N LYS F 64 11.28 -17.40 1.66
CA LYS F 64 9.90 -17.81 1.82
C LYS F 64 9.44 -17.53 3.24
N VAL F 65 10.29 -17.87 4.23
CA VAL F 65 9.89 -17.76 5.61
C VAL F 65 9.75 -16.29 5.96
N ARG F 66 10.69 -15.49 5.48
CA ARG F 66 10.79 -14.08 5.83
C ARG F 66 9.62 -13.28 5.27
N TYR F 67 9.23 -13.58 4.02
CA TYR F 67 8.31 -12.73 3.30
C TYR F 67 6.88 -13.30 3.33
N THR F 68 6.71 -14.53 3.76
CA THR F 68 5.37 -15.10 3.82
C THR F 68 4.65 -14.40 4.96
N ASN F 69 3.38 -14.06 4.69
CA ASN F 69 2.49 -13.36 5.60
C ASN F 69 3.00 -11.97 5.92
N SER F 70 3.85 -11.41 5.05
CA SER F 70 4.44 -10.11 5.29
C SER F 70 3.61 -9.06 4.56
N SER F 71 3.11 -8.04 5.28
CA SER F 71 2.40 -6.93 4.67
C SER F 71 3.39 -5.89 4.12
N THR F 72 4.67 -6.01 4.49
CA THR F 72 5.78 -5.45 3.73
C THR F 72 5.53 -5.74 2.25
N GLU F 73 5.90 -4.78 1.41
CA GLU F 73 6.24 -5.07 0.02
C GLU F 73 7.39 -6.09 -0.01
N ILE F 74 7.34 -6.96 -1.03
CA ILE F 74 8.15 -8.16 -1.10
C ILE F 74 9.04 -8.09 -2.35
N PRO F 75 10.37 -8.33 -2.22
CA PRO F 75 11.26 -8.42 -3.39
C PRO F 75 11.10 -9.66 -4.26
N GLU F 76 11.50 -9.49 -5.53
CA GLU F 76 11.51 -10.59 -6.49
C GLU F 76 12.52 -11.62 -6.00
N PHE F 77 12.23 -12.91 -6.27
CA PHE F 77 13.24 -13.92 -6.00
C PHE F 77 14.08 -14.10 -7.25
N PRO F 78 15.38 -13.76 -7.22
CA PRO F 78 16.22 -13.80 -8.41
C PRO F 78 16.67 -15.22 -8.75
N ILE F 79 16.76 -15.51 -10.05
CA ILE F 79 17.19 -16.81 -10.54
C ILE F 79 18.01 -16.58 -11.81
N ALA F 80 19.33 -16.80 -11.71
CA ALA F 80 20.19 -16.61 -12.86
C ALA F 80 19.81 -17.62 -13.93
N PRO F 81 19.82 -17.25 -15.24
CA PRO F 81 19.39 -18.18 -16.29
C PRO F 81 20.17 -19.49 -16.33
N GLU F 82 21.45 -19.44 -15.94
CA GLU F 82 22.32 -20.60 -15.96
C GLU F 82 21.85 -21.68 -14.98
N ILE F 83 21.14 -21.32 -13.90
CA ILE F 83 20.77 -22.29 -12.88
C ILE F 83 19.28 -22.62 -12.92
N ALA F 84 18.54 -21.95 -13.83
CA ALA F 84 17.08 -21.89 -13.77
C ALA F 84 16.45 -23.26 -14.00
N LEU F 85 16.94 -23.99 -15.02
CA LEU F 85 16.49 -25.34 -15.32
C LEU F 85 16.72 -26.25 -14.11
N GLU F 86 17.97 -26.31 -13.69
CA GLU F 86 18.35 -27.18 -12.60
C GLU F 86 17.50 -26.90 -11.36
N LEU F 87 17.17 -25.62 -11.12
CA LEU F 87 16.44 -25.22 -9.93
C LEU F 87 14.98 -25.66 -10.05
N LEU F 88 14.41 -25.53 -11.26
CA LEU F 88 13.06 -26.01 -11.52
C LEU F 88 12.97 -27.47 -11.09
N MET F 89 13.91 -28.26 -11.61
CA MET F 89 13.98 -29.68 -11.34
C MET F 89 14.03 -29.91 -9.84
N ALA F 90 14.99 -29.25 -9.17
CA ALA F 90 15.20 -29.38 -7.73
C ALA F 90 13.94 -29.01 -6.96
N ALA F 91 13.37 -27.85 -7.30
CA ALA F 91 12.20 -27.34 -6.60
C ALA F 91 11.05 -28.31 -6.81
N ASN F 92 10.96 -28.82 -8.04
CA ASN F 92 9.94 -29.78 -8.38
C ASN F 92 10.05 -31.01 -7.49
N PHE F 93 11.28 -31.50 -7.31
CA PHE F 93 11.56 -32.73 -6.58
C PHE F 93 11.29 -32.53 -5.10
N LEU F 94 11.63 -31.34 -4.59
CA LEU F 94 11.48 -30.99 -3.19
C LEU F 94 10.04 -30.59 -2.87
N ASP F 95 9.25 -30.25 -3.90
CA ASP F 95 7.87 -29.80 -3.74
C ASP F 95 7.83 -28.61 -2.78
N CYS F 96 8.13 -27.42 -3.33
CA CYS F 96 8.23 -26.20 -2.54
C CYS F 96 8.20 -24.96 -3.45
N PRO G 8 -46.61 -1.57 22.35
CA PRO G 8 -45.61 -0.70 23.00
C PRO G 8 -45.96 -0.47 24.47
N ASN G 9 -44.98 0.02 25.24
CA ASN G 9 -45.13 0.26 26.66
C ASN G 9 -45.53 1.71 26.92
N PRO G 10 -46.20 2.02 28.06
CA PRO G 10 -46.44 3.41 28.50
C PRO G 10 -45.13 4.21 28.58
N PRO G 11 -45.00 5.39 27.93
CA PRO G 11 -43.69 6.04 27.84
C PRO G 11 -43.03 6.44 29.17
N LYS G 12 -43.73 6.29 30.30
CA LYS G 12 -43.13 6.62 31.59
C LYS G 12 -42.47 5.38 32.21
N LEU G 13 -42.99 4.19 31.89
CA LEU G 13 -42.33 2.95 32.26
C LEU G 13 -41.04 2.77 31.45
N THR G 14 -41.10 3.06 30.14
CA THR G 14 -39.95 3.00 29.25
C THR G 14 -38.96 4.13 29.55
N LYS G 15 -39.43 5.17 30.24
CA LYS G 15 -38.60 6.25 30.73
C LYS G 15 -37.90 5.81 32.02
N GLN G 16 -38.63 5.15 32.93
CA GLN G 16 -38.05 4.63 34.16
C GLN G 16 -36.93 3.63 33.84
N MET G 17 -37.24 2.68 32.95
CA MET G 17 -36.39 1.56 32.63
C MET G 17 -34.98 2.04 32.26
N ASN G 18 -34.89 3.02 31.34
CA ASN G 18 -33.61 3.49 30.86
C ASN G 18 -32.84 4.18 32.00
N ALA G 19 -33.53 5.05 32.74
CA ALA G 19 -32.92 5.74 33.86
C ALA G 19 -32.25 4.72 34.78
N ILE G 20 -33.00 3.66 35.14
CA ILE G 20 -32.52 2.66 36.08
C ILE G 20 -31.25 2.01 35.52
N ILE G 21 -31.31 1.55 34.27
CA ILE G 21 -30.22 0.77 33.72
C ILE G 21 -29.03 1.69 33.45
N ASP G 22 -29.29 2.97 33.15
CA ASP G 22 -28.24 3.95 32.87
C ASP G 22 -27.49 4.25 34.17
N THR G 23 -28.21 4.28 35.29
CA THR G 23 -27.57 4.30 36.59
C THR G 23 -26.57 3.15 36.64
N VAL G 24 -27.12 1.93 36.64
CA VAL G 24 -26.39 0.68 36.80
C VAL G 24 -25.10 0.68 35.97
N ILE G 25 -25.25 1.04 34.70
CA ILE G 25 -24.14 1.00 33.77
C ILE G 25 -23.10 2.04 34.17
N ASN G 26 -23.51 3.31 34.26
CA ASN G 26 -22.60 4.43 34.42
C ASN G 26 -21.91 4.43 35.79
N TYR G 27 -22.48 3.72 36.76
CA TYR G 27 -21.87 3.56 38.08
C TYR G 27 -20.38 3.28 37.91
N LYS G 28 -19.55 3.96 38.73
CA LYS G 28 -18.12 3.71 38.83
C LYS G 28 -17.72 3.55 40.30
N ASP G 29 -16.64 2.79 40.55
CA ASP G 29 -16.12 2.64 41.89
C ASP G 29 -15.37 3.91 42.28
N SER G 30 -14.80 3.91 43.48
CA SER G 30 -13.94 4.99 43.96
C SER G 30 -12.81 5.26 42.96
N SER G 31 -12.27 4.20 42.34
CA SER G 31 -11.21 4.28 41.35
C SER G 31 -11.68 4.98 40.08
N GLY G 32 -12.97 5.25 39.94
CA GLY G 32 -13.50 5.87 38.74
C GLY G 32 -13.72 4.86 37.63
N ARG G 33 -13.51 3.56 37.93
CA ARG G 33 -13.67 2.46 36.98
C ARG G 33 -15.15 2.05 36.89
N GLN G 34 -15.71 2.09 35.68
CA GLN G 34 -17.10 1.74 35.45
C GLN G 34 -17.30 0.22 35.57
N LEU G 35 -18.14 -0.21 36.53
CA LEU G 35 -18.22 -1.62 36.91
C LEU G 35 -18.94 -2.43 35.85
N SER G 36 -19.79 -1.78 35.06
CA SER G 36 -20.67 -2.48 34.13
C SER G 36 -19.93 -2.84 32.84
N GLU G 37 -18.68 -2.41 32.71
CA GLU G 37 -18.10 -2.24 31.39
C GLU G 37 -17.90 -3.59 30.71
N VAL G 38 -17.40 -4.57 31.45
CA VAL G 38 -17.20 -5.92 30.93
C VAL G 38 -18.51 -6.53 30.44
N PHE G 39 -19.61 -6.20 31.13
CA PHE G 39 -20.91 -6.85 30.98
C PHE G 39 -21.74 -6.21 29.88
N ILE G 40 -21.18 -5.23 29.16
CA ILE G 40 -21.90 -4.57 28.08
C ILE G 40 -22.15 -5.63 27.01
N GLN G 41 -21.05 -6.17 26.50
CA GLN G 41 -21.02 -6.99 25.31
C GLN G 41 -20.61 -8.38 25.74
N LEU G 42 -21.18 -9.41 25.11
CA LEU G 42 -20.76 -10.78 25.40
C LEU G 42 -19.60 -11.17 24.49
N PRO G 43 -18.85 -12.20 24.89
CA PRO G 43 -17.91 -12.86 23.99
C PRO G 43 -18.70 -13.69 23.00
N SER G 44 -18.27 -13.68 21.74
CA SER G 44 -18.88 -14.47 20.69
C SER G 44 -18.68 -15.94 21.01
N ARG G 45 -19.35 -16.81 20.26
CA ARG G 45 -19.22 -18.23 20.49
C ARG G 45 -17.90 -18.73 19.90
N LYS G 46 -17.40 -18.07 18.84
CA LYS G 46 -16.09 -18.41 18.29
C LYS G 46 -15.04 -18.01 19.32
N GLU G 47 -15.06 -16.75 19.77
CA GLU G 47 -14.16 -16.26 20.81
C GLU G 47 -14.09 -17.26 21.97
N LEU G 48 -15.21 -17.43 22.69
CA LEU G 48 -15.20 -18.07 24.01
C LEU G 48 -16.36 -19.07 24.07
N PRO G 49 -16.21 -20.23 23.40
CA PRO G 49 -17.29 -21.20 23.28
C PRO G 49 -17.75 -21.84 24.59
N GLU G 50 -16.88 -21.85 25.60
CA GLU G 50 -17.21 -22.49 26.88
C GLU G 50 -18.29 -21.70 27.59
N TYR G 51 -18.29 -20.35 27.49
CA TYR G 51 -19.34 -19.56 28.13
C TYR G 51 -20.70 -20.11 27.70
N TYR G 52 -20.79 -20.53 26.44
CA TYR G 52 -22.06 -20.95 25.85
C TYR G 52 -22.35 -22.39 26.23
N GLU G 53 -21.30 -23.14 26.62
CA GLU G 53 -21.45 -24.50 27.09
C GLU G 53 -21.97 -24.51 28.53
N LEU G 54 -21.67 -23.47 29.30
CA LEU G 54 -21.96 -23.46 30.74
C LEU G 54 -23.18 -22.59 31.03
N ILE G 55 -23.35 -21.48 30.30
CA ILE G 55 -24.43 -20.55 30.55
C ILE G 55 -25.55 -20.83 29.57
N ARG G 56 -26.69 -21.27 30.12
CA ARG G 56 -27.83 -21.70 29.34
C ARG G 56 -28.56 -20.48 28.77
N LYS G 57 -28.75 -19.44 29.57
CA LYS G 57 -29.40 -18.22 29.10
C LYS G 57 -28.41 -17.05 29.16
N PRO G 58 -27.54 -16.84 28.14
CA PRO G 58 -26.60 -15.72 28.13
C PRO G 58 -27.37 -14.42 28.00
N VAL G 59 -26.86 -13.37 28.63
CA VAL G 59 -27.42 -12.04 28.43
C VAL G 59 -26.36 -11.01 28.76
N ASP G 60 -26.33 -9.94 27.96
CA ASP G 60 -25.46 -8.78 28.15
C ASP G 60 -26.34 -7.53 28.22
N PHE G 61 -25.80 -6.42 28.72
CA PHE G 61 -26.57 -5.20 28.89
C PHE G 61 -27.06 -4.69 27.53
N LYS G 62 -26.21 -4.76 26.51
CA LYS G 62 -26.63 -4.54 25.13
C LYS G 62 -28.00 -5.15 24.88
N LYS G 63 -28.15 -6.44 25.20
CA LYS G 63 -29.37 -7.19 24.92
C LYS G 63 -30.50 -6.67 25.79
N ILE G 64 -30.16 -6.19 26.98
CA ILE G 64 -31.15 -5.68 27.93
C ILE G 64 -31.66 -4.31 27.46
N LYS G 65 -30.75 -3.43 27.03
CA LYS G 65 -31.13 -2.11 26.52
C LYS G 65 -32.03 -2.26 25.29
N GLU G 66 -31.69 -3.21 24.43
CA GLU G 66 -32.43 -3.47 23.21
C GLU G 66 -33.85 -3.94 23.54
N ARG G 67 -34.01 -4.67 24.66
CA ARG G 67 -35.31 -5.20 25.06
C ARG G 67 -36.17 -4.15 25.77
N ILE G 68 -35.58 -2.97 26.01
CA ILE G 68 -36.32 -1.81 26.51
C ILE G 68 -36.79 -0.96 25.32
N ARG G 69 -35.89 -0.71 24.35
CA ARG G 69 -36.25 -0.08 23.09
C ARG G 69 -37.40 -0.84 22.44
N ASN G 70 -37.32 -2.18 22.47
CA ASN G 70 -38.23 -3.07 21.78
C ASN G 70 -39.24 -3.65 22.77
N HIS G 71 -39.47 -2.92 23.87
CA HIS G 71 -40.68 -3.05 24.68
C HIS G 71 -40.93 -4.49 25.12
N LYS G 72 -39.90 -5.34 25.14
CA LYS G 72 -40.10 -6.75 25.43
C LYS G 72 -40.51 -6.92 26.89
N TYR G 73 -39.84 -6.22 27.81
CA TYR G 73 -40.17 -6.23 29.24
C TYR G 73 -41.43 -5.41 29.46
N ARG G 74 -42.42 -6.00 30.14
CA ARG G 74 -43.73 -5.38 30.29
C ARG G 74 -43.88 -4.74 31.67
N SER G 75 -43.16 -5.26 32.68
CA SER G 75 -43.11 -4.66 34.01
C SER G 75 -41.68 -4.26 34.36
N LEU G 76 -41.42 -3.94 35.64
CA LEU G 76 -40.05 -3.79 36.14
C LEU G 76 -39.60 -5.10 36.81
N GLY G 77 -40.54 -5.89 37.33
CA GLY G 77 -40.24 -7.24 37.75
C GLY G 77 -39.68 -8.08 36.61
N ASP G 78 -40.10 -7.77 35.38
CA ASP G 78 -39.62 -8.44 34.18
C ASP G 78 -38.15 -8.08 33.92
N LEU G 79 -37.82 -6.81 34.12
CA LEU G 79 -36.48 -6.30 33.89
C LEU G 79 -35.51 -6.80 34.95
N GLU G 80 -35.87 -6.66 36.23
CA GLU G 80 -35.02 -7.13 37.30
C GLU G 80 -34.55 -8.56 36.99
N LYS G 81 -35.50 -9.42 36.63
CA LYS G 81 -35.26 -10.83 36.43
C LYS G 81 -34.08 -11.05 35.48
N ASP G 82 -34.02 -10.24 34.41
CA ASP G 82 -33.10 -10.46 33.31
C ASP G 82 -31.71 -9.96 33.69
N VAL G 83 -31.67 -8.94 34.55
CA VAL G 83 -30.45 -8.42 35.17
C VAL G 83 -29.92 -9.43 36.17
N MET G 84 -30.77 -9.79 37.13
CA MET G 84 -30.44 -10.81 38.11
C MET G 84 -29.91 -12.05 37.40
N LEU G 85 -30.38 -12.29 36.17
CA LEU G 85 -29.86 -13.40 35.36
C LEU G 85 -28.44 -13.09 34.92
N LEU G 86 -28.24 -11.92 34.31
CA LEU G 86 -26.91 -11.52 33.87
C LEU G 86 -25.91 -11.66 35.03
N CYS G 87 -26.27 -11.10 36.18
CA CYS G 87 -25.42 -11.15 37.34
C CYS G 87 -25.20 -12.60 37.77
N HIS G 88 -26.27 -13.40 37.76
CA HIS G 88 -26.21 -14.78 38.23
C HIS G 88 -25.33 -15.60 37.28
N ASN G 89 -25.47 -15.38 35.96
CA ASN G 89 -24.62 -16.08 35.01
C ASN G 89 -23.17 -15.73 35.33
N ALA G 90 -22.89 -14.42 35.51
CA ALA G 90 -21.54 -13.96 35.82
C ALA G 90 -20.98 -14.74 36.99
N GLN G 91 -21.76 -14.83 38.07
CA GLN G 91 -21.37 -15.55 39.27
C GLN G 91 -21.16 -17.03 38.97
N THR G 92 -21.94 -17.61 38.06
CA THR G 92 -21.84 -19.02 37.72
C THR G 92 -20.52 -19.32 36.99
N PHE G 93 -20.21 -18.55 35.95
CA PHE G 93 -19.11 -18.91 35.08
C PHE G 93 -17.78 -18.46 35.68
N ASN G 94 -17.84 -17.44 36.55
CA ASN G 94 -16.64 -16.86 37.14
C ASN G 94 -16.58 -17.29 38.60
N LEU G 95 -15.37 -17.37 39.15
CA LEU G 95 -15.13 -17.85 40.50
C LEU G 95 -15.78 -16.90 41.50
N GLU G 96 -16.14 -17.44 42.66
CA GLU G 96 -16.28 -16.63 43.86
C GLU G 96 -14.98 -15.86 44.06
N GLY G 97 -15.07 -14.66 44.64
CA GLY G 97 -13.90 -13.85 44.91
C GLY G 97 -13.01 -13.64 43.68
N SER G 98 -13.63 -13.58 42.49
CA SER G 98 -12.98 -13.03 41.31
C SER G 98 -13.50 -11.62 41.10
N GLN G 99 -12.74 -10.77 40.42
CA GLN G 99 -13.10 -9.35 40.34
C GLN G 99 -14.46 -9.21 39.67
N ILE G 100 -14.72 -10.01 38.63
CA ILE G 100 -15.97 -9.93 37.89
C ILE G 100 -17.15 -10.32 38.76
N TYR G 101 -16.98 -11.37 39.57
CA TYR G 101 -17.99 -11.82 40.51
C TYR G 101 -18.31 -10.70 41.51
N GLU G 102 -17.27 -10.11 42.13
CA GLU G 102 -17.45 -9.03 43.06
C GLU G 102 -18.36 -7.98 42.43
N ASP G 103 -17.92 -7.48 41.26
CA ASP G 103 -18.57 -6.41 40.54
C ASP G 103 -20.07 -6.73 40.41
N SER G 104 -20.38 -7.94 39.92
CA SER G 104 -21.75 -8.35 39.68
C SER G 104 -22.60 -8.17 40.94
N ILE G 105 -22.05 -8.60 42.08
CA ILE G 105 -22.74 -8.55 43.36
C ILE G 105 -23.05 -7.09 43.72
N VAL G 106 -22.14 -6.20 43.31
CA VAL G 106 -22.34 -4.78 43.51
C VAL G 106 -23.52 -4.35 42.65
N LEU G 107 -23.52 -4.80 41.40
CA LEU G 107 -24.46 -4.32 40.39
C LEU G 107 -25.87 -4.86 40.62
N GLN G 108 -26.03 -5.94 41.38
CA GLN G 108 -27.37 -6.33 41.84
C GLN G 108 -27.89 -5.28 42.81
N SER G 109 -27.07 -4.98 43.82
CA SER G 109 -27.48 -4.08 44.90
C SER G 109 -27.34 -2.60 44.49
N VAL G 110 -26.86 -2.34 43.27
CA VAL G 110 -26.96 -1.02 42.64
C VAL G 110 -28.30 -0.92 41.91
N PHE G 111 -28.71 -2.00 41.25
CA PHE G 111 -30.00 -2.03 40.57
C PHE G 111 -31.10 -2.04 41.62
N LYS G 112 -31.00 -2.94 42.60
CA LYS G 112 -32.02 -3.10 43.63
C LYS G 112 -32.28 -1.75 44.31
N SER G 113 -31.21 -1.06 44.71
CA SER G 113 -31.36 0.24 45.36
C SER G 113 -31.86 1.28 44.35
N ALA G 114 -31.15 1.42 43.21
CA ALA G 114 -31.50 2.42 42.21
C ALA G 114 -32.89 2.17 41.61
N ARG G 115 -33.54 1.06 41.96
CA ARG G 115 -34.94 0.84 41.59
C ARG G 115 -35.86 1.57 42.57
N GLN G 116 -35.67 1.31 43.87
CA GLN G 116 -36.54 1.84 44.91
C GLN G 116 -36.29 3.33 45.15
N LYS G 117 -35.37 3.91 44.39
CA LYS G 117 -35.05 5.33 44.43
C LYS G 117 -35.67 6.02 43.21
N ILE G 118 -35.60 5.38 42.02
CA ILE G 118 -36.15 5.94 40.79
C ILE G 118 -37.56 5.38 40.53
N ALA G 119 -37.99 4.38 41.32
CA ALA G 119 -39.37 3.95 41.32
C ALA G 119 -40.07 4.40 42.62
N LYS G 120 -39.92 3.64 43.71
CA LYS G 120 -40.61 3.96 44.95
C LYS G 120 -39.86 5.11 45.64
N PRO H 8 -48.82 -12.72 -1.08
CA PRO H 8 -47.76 -12.99 -2.07
C PRO H 8 -48.35 -13.59 -3.35
N ASN H 9 -47.53 -13.66 -4.40
CA ASN H 9 -47.95 -14.17 -5.70
C ASN H 9 -47.64 -15.66 -5.84
N PRO H 10 -48.40 -16.41 -6.67
CA PRO H 10 -48.06 -17.79 -7.02
C PRO H 10 -46.65 -17.90 -7.61
N PRO H 11 -45.76 -18.78 -7.10
CA PRO H 11 -44.35 -18.79 -7.54
C PRO H 11 -44.10 -19.00 -9.03
N LYS H 12 -45.12 -19.36 -9.82
CA LYS H 12 -44.93 -19.56 -11.25
C LYS H 12 -45.21 -18.26 -12.01
N LEU H 13 -46.08 -17.40 -11.47
CA LEU H 13 -46.28 -16.07 -12.00
C LEU H 13 -45.03 -15.22 -11.73
N THR H 14 -44.48 -15.30 -10.51
CA THR H 14 -43.27 -14.58 -10.12
C THR H 14 -42.04 -15.17 -10.82
N LYS H 15 -42.17 -16.41 -11.31
CA LYS H 15 -41.17 -17.06 -12.15
C LYS H 15 -41.26 -16.51 -13.58
N GLN H 16 -42.49 -16.39 -14.11
CA GLN H 16 -42.73 -15.84 -15.45
C GLN H 16 -42.18 -14.42 -15.52
N MET H 17 -42.56 -13.60 -14.54
CA MET H 17 -42.32 -12.17 -14.51
C MET H 17 -40.83 -11.89 -14.71
N ASN H 18 -39.96 -12.57 -13.95
CA ASN H 18 -38.52 -12.33 -14.04
C ASN H 18 -37.99 -12.74 -15.41
N ALA H 19 -38.38 -13.93 -15.87
CA ALA H 19 -37.95 -14.41 -17.17
C ALA H 19 -38.26 -13.35 -18.23
N ILE H 20 -39.49 -12.82 -18.22
CA ILE H 20 -39.93 -11.85 -19.21
C ILE H 20 -39.02 -10.62 -19.14
N ILE H 21 -38.84 -10.07 -17.95
CA ILE H 21 -38.11 -8.82 -17.82
C ILE H 21 -36.63 -9.06 -18.09
N ASP H 22 -36.12 -10.25 -17.77
CA ASP H 22 -34.73 -10.60 -17.99
C ASP H 22 -34.45 -10.71 -19.49
N THR H 23 -35.44 -11.22 -20.25
CA THR H 23 -35.41 -11.12 -21.70
C THR H 23 -35.15 -9.65 -22.06
N VAL H 24 -36.17 -8.83 -21.75
CA VAL H 24 -36.22 -7.41 -22.10
C VAL H 24 -34.88 -6.73 -21.84
N ILE H 25 -34.34 -6.95 -20.63
CA ILE H 25 -33.13 -6.29 -20.21
C ILE H 25 -31.96 -6.78 -21.05
N ASN H 26 -31.74 -8.10 -21.05
CA ASN H 26 -30.54 -8.70 -21.65
C ASN H 26 -30.51 -8.54 -23.17
N TYR H 27 -31.69 -8.32 -23.78
CA TYR H 27 -31.79 -8.10 -25.22
C TYR H 27 -30.68 -7.16 -25.66
N LYS H 28 -30.04 -7.52 -26.78
CA LYS H 28 -29.08 -6.67 -27.47
C LYS H 28 -29.47 -6.59 -28.94
N ASP H 29 -29.15 -5.46 -29.57
CA ASP H 29 -29.47 -5.26 -30.98
C ASP H 29 -28.45 -6.04 -31.81
N SER H 30 -28.57 -5.91 -33.14
CA SER H 30 -27.59 -6.48 -34.06
C SER H 30 -26.17 -6.02 -33.70
N SER H 31 -26.04 -4.76 -33.26
CA SER H 31 -24.76 -4.18 -32.86
C SER H 31 -24.21 -4.82 -31.58
N GLY H 32 -24.99 -5.67 -30.92
CA GLY H 32 -24.57 -6.31 -29.68
C GLY H 32 -24.73 -5.38 -28.47
N ARG H 33 -25.35 -4.22 -28.69
CA ARG H 33 -25.59 -3.20 -27.66
C ARG H 33 -26.85 -3.53 -26.86
N GLN H 34 -26.71 -3.69 -25.54
CA GLN H 34 -27.84 -3.99 -24.66
C GLN H 34 -28.70 -2.73 -24.51
N LEU H 35 -29.95 -2.79 -24.96
CA LEU H 35 -30.74 -1.58 -25.16
C LEU H 35 -31.24 -1.04 -23.83
N SER H 36 -31.40 -1.94 -22.86
CA SER H 36 -32.11 -1.66 -21.62
C SER H 36 -31.24 -0.90 -20.63
N GLU H 37 -29.97 -0.72 -21.00
CA GLU H 37 -28.92 -0.45 -20.04
C GLU H 37 -29.17 0.89 -19.37
N VAL H 38 -29.49 1.92 -20.17
CA VAL H 38 -29.64 3.26 -19.64
C VAL H 38 -30.83 3.33 -18.68
N PHE H 39 -31.84 2.47 -18.93
CA PHE H 39 -33.13 2.49 -18.27
C PHE H 39 -33.13 1.68 -16.97
N ILE H 40 -31.97 1.16 -16.58
CA ILE H 40 -31.89 0.39 -15.35
C ILE H 40 -32.22 1.32 -14.19
N GLN H 41 -31.42 2.39 -14.06
CA GLN H 41 -31.49 3.32 -12.96
C GLN H 41 -31.93 4.67 -13.52
N LEU H 42 -32.67 5.45 -12.71
CA LEU H 42 -33.13 6.79 -13.07
C LEU H 42 -32.06 7.84 -12.77
N PRO H 43 -32.23 9.06 -13.34
CA PRO H 43 -31.37 10.19 -12.99
C PRO H 43 -31.81 10.75 -11.65
N SER H 44 -30.87 11.18 -10.79
CA SER H 44 -31.27 11.70 -9.49
C SER H 44 -32.01 13.02 -9.69
N ARG H 45 -32.70 13.49 -8.64
CA ARG H 45 -33.40 14.74 -8.79
C ARG H 45 -32.42 15.91 -8.68
N LYS H 46 -31.30 15.73 -7.97
CA LYS H 46 -30.28 16.76 -7.96
C LYS H 46 -29.64 16.83 -9.34
N GLU H 47 -29.16 15.70 -9.86
CA GLU H 47 -28.61 15.62 -11.22
C GLU H 47 -29.53 16.34 -12.22
N LEU H 48 -30.75 15.83 -12.41
CA LEU H 48 -31.59 16.18 -13.55
C LEU H 48 -33.01 16.47 -13.06
N PRO H 49 -33.23 17.62 -12.39
CA PRO H 49 -34.54 17.92 -11.79
C PRO H 49 -35.67 18.09 -12.81
N GLU H 50 -35.33 18.43 -14.06
CA GLU H 50 -36.33 18.65 -15.11
C GLU H 50 -37.06 17.36 -15.44
N TYR H 51 -36.35 16.21 -15.44
CA TYR H 51 -37.00 14.93 -15.69
C TYR H 51 -38.22 14.80 -14.77
N TYR H 52 -38.07 15.27 -13.53
CA TYR H 52 -39.09 15.07 -12.51
C TYR H 52 -40.16 16.15 -12.65
N GLU H 53 -39.82 17.27 -13.32
CA GLU H 53 -40.78 18.33 -13.61
C GLU H 53 -41.73 17.89 -14.72
N LEU H 54 -41.28 17.02 -15.65
CA LEU H 54 -42.10 16.61 -16.78
C LEU H 54 -42.71 15.23 -16.54
N ILE H 55 -41.99 14.31 -15.90
CA ILE H 55 -42.47 12.93 -15.74
C ILE H 55 -43.17 12.78 -14.40
N ARG H 56 -44.49 12.55 -14.45
CA ARG H 56 -45.33 12.45 -13.29
C ARG H 56 -45.07 11.16 -12.54
N LYS H 57 -45.00 10.03 -13.26
CA LYS H 57 -44.73 8.75 -12.63
C LYS H 57 -43.41 8.18 -13.15
N PRO H 58 -42.25 8.56 -12.55
CA PRO H 58 -40.96 8.03 -12.95
C PRO H 58 -40.89 6.54 -12.64
N VAL H 59 -40.21 5.79 -13.49
CA VAL H 59 -39.99 4.39 -13.19
C VAL H 59 -38.77 3.93 -13.98
N ASP H 60 -37.96 3.09 -13.31
CA ASP H 60 -36.79 2.43 -13.88
C ASP H 60 -36.96 0.93 -13.70
N PHE H 61 -36.16 0.13 -14.43
CA PHE H 61 -36.28 -1.31 -14.36
C PHE H 61 -36.02 -1.81 -12.95
N LYS H 62 -35.00 -1.24 -12.28
CA LYS H 62 -34.77 -1.46 -10.87
C LYS H 62 -36.09 -1.47 -10.10
N LYS H 63 -36.91 -0.42 -10.27
CA LYS H 63 -38.15 -0.26 -9.53
C LYS H 63 -39.15 -1.34 -9.95
N ILE H 64 -39.06 -1.78 -11.21
CA ILE H 64 -39.95 -2.80 -11.75
C ILE H 64 -39.57 -4.17 -11.17
N LYS H 65 -38.27 -4.49 -11.14
CA LYS H 65 -37.78 -5.75 -10.58
C LYS H 65 -38.14 -5.84 -9.10
N GLU H 66 -38.01 -4.73 -8.38
CA GLU H 66 -38.34 -4.65 -6.96
C GLU H 66 -39.82 -4.91 -6.73
N ARG H 67 -40.69 -4.51 -7.69
CA ARG H 67 -42.13 -4.69 -7.58
C ARG H 67 -42.56 -6.11 -7.95
N ILE H 68 -41.61 -6.93 -8.42
CA ILE H 68 -41.83 -8.34 -8.66
C ILE H 68 -41.40 -9.12 -7.42
N ARG H 69 -40.22 -8.81 -6.86
CA ARG H 69 -39.80 -9.36 -5.59
C ARG H 69 -40.85 -9.10 -4.51
N ASN H 70 -41.43 -7.88 -4.53
CA ASN H 70 -42.35 -7.41 -3.52
C ASN H 70 -43.77 -7.46 -4.07
N HIS H 71 -44.01 -8.37 -5.01
CA HIS H 71 -45.32 -8.92 -5.30
C HIS H 71 -46.37 -7.84 -5.58
N LYS H 72 -45.94 -6.63 -5.98
CA LYS H 72 -46.87 -5.52 -6.12
C LYS H 72 -47.80 -5.78 -7.31
N TYR H 73 -47.22 -6.22 -8.44
CA TYR H 73 -47.99 -6.57 -9.64
C TYR H 73 -48.70 -7.90 -9.41
N ARG H 74 -50.01 -7.92 -9.66
CA ARG H 74 -50.82 -9.10 -9.36
C ARG H 74 -51.09 -9.91 -10.63
N SER H 75 -51.13 -9.24 -11.80
CA SER H 75 -51.29 -9.92 -13.07
C SER H 75 -50.06 -9.64 -13.95
N LEU H 76 -50.15 -9.96 -15.25
CA LEU H 76 -49.17 -9.54 -16.24
C LEU H 76 -49.67 -8.29 -16.95
N GLY H 77 -50.99 -8.09 -17.03
CA GLY H 77 -51.56 -6.82 -17.46
C GLY H 77 -51.08 -5.67 -16.58
N ASP H 78 -50.83 -5.97 -15.30
CA ASP H 78 -50.32 -4.99 -14.33
C ASP H 78 -48.89 -4.61 -14.69
N LEU H 79 -48.09 -5.62 -15.07
CA LEU H 79 -46.67 -5.45 -15.38
C LEU H 79 -46.48 -4.71 -16.71
N GLU H 80 -47.18 -5.15 -17.75
CA GLU H 80 -47.07 -4.50 -19.05
C GLU H 80 -47.25 -2.99 -18.87
N LYS H 81 -48.31 -2.62 -18.15
CA LYS H 81 -48.69 -1.22 -17.99
C LYS H 81 -47.51 -0.38 -17.50
N ASP H 82 -46.74 -0.93 -16.57
CA ASP H 82 -45.71 -0.18 -15.84
C ASP H 82 -44.47 -0.03 -16.72
N VAL H 83 -44.25 -1.01 -17.58
CA VAL H 83 -43.20 -0.97 -18.60
C VAL H 83 -43.59 0.02 -19.69
N MET H 84 -44.79 -0.17 -20.24
CA MET H 84 -45.35 0.77 -21.21
C MET H 84 -45.25 2.20 -20.68
N LEU H 85 -45.34 2.35 -19.35
CA LEU H 85 -45.13 3.65 -18.72
C LEU H 85 -43.67 4.06 -18.83
N LEU H 86 -42.75 3.19 -18.40
CA LEU H 86 -41.33 3.48 -18.48
C LEU H 86 -40.97 3.92 -19.90
N CYS H 87 -41.40 3.13 -20.89
CA CYS H 87 -41.11 3.42 -22.28
C CYS H 87 -41.75 4.75 -22.68
N HIS H 88 -42.99 4.98 -22.22
CA HIS H 88 -43.72 6.17 -22.62
C HIS H 88 -43.07 7.39 -21.98
N ASN H 89 -42.64 7.30 -20.71
CA ASN H 89 -41.92 8.41 -20.09
C ASN H 89 -40.69 8.72 -20.94
N ALA H 90 -39.92 7.67 -21.28
CA ALA H 90 -38.72 7.84 -22.09
C ALA H 90 -39.03 8.63 -23.36
N GLN H 91 -40.10 8.21 -24.06
CA GLN H 91 -40.54 8.85 -25.29
C GLN H 91 -40.95 10.30 -25.02
N THR H 92 -41.52 10.57 -23.84
CA THR H 92 -41.98 11.90 -23.49
C THR H 92 -40.81 12.87 -23.32
N PHE H 93 -39.79 12.45 -22.56
CA PHE H 93 -38.74 13.38 -22.18
C PHE H 93 -37.73 13.54 -23.31
N ASN H 94 -37.63 12.52 -24.16
CA ASN H 94 -36.65 12.51 -25.24
C ASN H 94 -37.37 12.74 -26.56
N LEU H 95 -36.65 13.31 -27.54
CA LEU H 95 -37.16 13.56 -28.87
C LEU H 95 -37.62 12.25 -29.53
N GLU H 96 -38.57 12.37 -30.46
CA GLU H 96 -38.69 11.40 -31.54
C GLU H 96 -37.33 11.31 -32.22
N GLY H 97 -36.97 10.14 -32.75
CA GLY H 97 -35.72 9.98 -33.48
C GLY H 97 -34.50 10.39 -32.64
N SER H 98 -34.61 10.20 -31.32
CA SER H 98 -33.44 10.19 -30.46
C SER H 98 -33.12 8.74 -30.16
N GLN H 99 -31.86 8.46 -29.82
CA GLN H 99 -31.44 7.08 -29.66
C GLN H 99 -32.28 6.40 -28.58
N ILE H 100 -32.53 7.14 -27.49
CA ILE H 100 -33.23 6.63 -26.33
C ILE H 100 -34.67 6.25 -26.70
N TYR H 101 -35.30 7.14 -27.47
CA TYR H 101 -36.66 6.94 -27.94
C TYR H 101 -36.73 5.68 -28.79
N GLU H 102 -35.82 5.56 -29.76
CA GLU H 102 -35.79 4.40 -30.64
C GLU H 102 -35.81 3.15 -29.77
N ASP H 103 -34.82 3.09 -28.87
CA ASP H 103 -34.59 1.94 -28.02
C ASP H 103 -35.91 1.55 -27.33
N SER H 104 -36.56 2.53 -26.70
CA SER H 104 -37.78 2.28 -25.94
C SER H 104 -38.81 1.56 -26.80
N ILE H 105 -38.98 2.06 -28.03
CA ILE H 105 -39.96 1.51 -28.98
C ILE H 105 -39.63 0.05 -29.27
N VAL H 106 -38.33 -0.25 -29.28
CA VAL H 106 -37.88 -1.61 -29.47
C VAL H 106 -38.31 -2.45 -28.26
N LEU H 107 -38.08 -1.89 -27.07
CA LEU H 107 -38.24 -2.62 -25.82
C LEU H 107 -39.70 -2.85 -25.51
N GLN H 108 -40.62 -2.06 -26.08
CA GLN H 108 -42.05 -2.38 -25.98
C GLN H 108 -42.31 -3.65 -26.75
N SER H 109 -41.86 -3.68 -28.01
CA SER H 109 -42.15 -4.77 -28.92
C SER H 109 -41.24 -5.98 -28.68
N VAL H 110 -40.27 -5.85 -27.74
CA VAL H 110 -39.53 -6.98 -27.19
C VAL H 110 -40.32 -7.60 -26.04
N PHE H 111 -40.91 -6.73 -25.21
CA PHE H 111 -41.72 -7.20 -24.09
C PHE H 111 -43.01 -7.82 -24.63
N LYS H 112 -43.70 -7.08 -25.52
CA LYS H 112 -44.96 -7.53 -26.11
C LYS H 112 -44.80 -8.95 -26.65
N SER H 113 -43.77 -9.16 -27.49
CA SER H 113 -43.54 -10.46 -28.09
C SER H 113 -43.09 -11.45 -27.02
N ALA H 114 -42.04 -11.12 -26.26
CA ALA H 114 -41.48 -12.02 -25.25
C ALA H 114 -42.49 -12.36 -24.16
N ARG H 115 -43.67 -11.69 -24.15
CA ARG H 115 -44.74 -12.07 -23.24
C ARG H 115 -45.53 -13.25 -23.81
N GLN H 116 -46.01 -13.10 -25.06
CA GLN H 116 -46.85 -14.09 -25.71
C GLN H 116 -46.06 -15.34 -26.12
N LYS H 117 -44.76 -15.34 -25.82
CA LYS H 117 -43.87 -16.47 -26.07
C LYS H 117 -43.61 -17.20 -24.75
N ILE H 118 -43.42 -16.46 -23.65
CA ILE H 118 -43.17 -17.04 -22.33
C ILE H 118 -44.47 -17.15 -21.53
N ALA H 119 -45.57 -16.55 -22.03
CA ALA H 119 -46.88 -16.71 -21.40
C ALA H 119 -47.76 -17.59 -22.29
N LYS H 120 -48.31 -17.05 -23.39
CA LYS H 120 -49.06 -17.89 -24.34
C LYS H 120 -48.04 -18.68 -25.17
#